data_7OA4
#
_entry.id   7OA4
#
_cell.length_a   124.790
_cell.length_b   124.790
_cell.length_c   295.740
_cell.angle_alpha   90.000
_cell.angle_beta   90.000
_cell.angle_gamma   120.000
#
_symmetry.space_group_name_H-M   'P 61 2 2'
#
loop_
_entity.id
_entity.type
_entity.pdbx_description
1 polymer 'N-terminal endonuclease domain of La Crosse virus L-protein'
2 non-polymer '(2Z)-4-[1-benzyl-4-(4-chlorobenzyl)piperidin-4-yl]-2-hydroxy-4-oxobut-2-enoic acid'
3 non-polymer 'FORMIC ACID'
4 non-polymer 'MANGANESE (II) ION'
5 water water
#
_entity_poly.entity_id   1
_entity_poly.type   'polypeptide(L)'
_entity_poly.pdbx_seq_one_letter_code
;GMDYQEYQQFLARINTARDACVAKDIDVDLLMARHDYFGRELCKSLNIEYRNDVPFIDIILDIRPEVDPLTIDAPHITPD
NYLYINNVLYIIDYKVSVSNESSVITYDKYYELTRDISDRLSIPIEIVIIRIDPVSRDLHINSDRFKELYPTIVVDINFN
QFFDLKQLLYEKFGDDEEFLLKVA
;
_entity_poly.pdbx_strand_id   AAA,BBB,DDD,GGG
#
loop_
_chem_comp.id
_chem_comp.type
_chem_comp.name
_chem_comp.formula
0N8 non-polymer '(2Z)-4-[1-benzyl-4-(4-chlorobenzyl)piperidin-4-yl]-2-hydroxy-4-oxobut-2-enoic acid' 'C23 H24 Cl N O4'
FMT non-polymer 'FORMIC ACID' 'C H2 O2'
MN non-polymer 'MANGANESE (II) ION' 'Mn 2'
#
# COMPACT_ATOMS: atom_id res chain seq x y z
N GLY A 1 -36.90 13.71 20.19
CA GLY A 1 -35.81 14.06 19.24
C GLY A 1 -34.49 14.30 19.95
N MET A 2 -33.47 14.71 19.20
CA MET A 2 -32.13 15.10 19.71
C MET A 2 -32.30 16.29 20.67
N ASP A 3 -31.32 16.52 21.56
CA ASP A 3 -31.28 17.70 22.46
C ASP A 3 -31.39 18.96 21.61
N TYR A 4 -32.01 20.01 22.14
CA TYR A 4 -31.97 21.37 21.57
C TYR A 4 -30.51 21.71 21.23
N GLN A 5 -29.59 21.36 22.12
CA GLN A 5 -28.13 21.69 22.01
C GLN A 5 -27.55 21.05 20.74
N GLU A 6 -27.94 19.82 20.42
CA GLU A 6 -27.42 19.07 19.25
C GLU A 6 -28.04 19.65 17.96
N TYR A 7 -29.35 19.93 17.98
CA TYR A 7 -30.10 20.59 16.88
C TYR A 7 -29.46 21.94 16.56
N GLN A 8 -29.04 22.69 17.58
CA GLN A 8 -28.40 24.04 17.47
C GLN A 8 -27.06 23.92 16.73
N GLN A 9 -26.27 22.89 17.07
CA GLN A 9 -24.94 22.61 16.47
C GLN A 9 -25.11 22.42 14.96
N PHE A 10 -26.09 21.61 14.55
CA PHE A 10 -26.38 21.31 13.13
C PHE A 10 -26.87 22.60 12.45
N LEU A 11 -27.76 23.33 13.12
CA LEU A 11 -28.34 24.59 12.60
C LEU A 11 -27.20 25.58 12.34
N ALA A 12 -26.28 25.72 13.30
CA ALA A 12 -25.10 26.62 13.25
C ALA A 12 -24.16 26.20 12.10
N ARG A 13 -23.87 24.91 12.00
CA ARG A 13 -22.96 24.31 10.98
C ARG A 13 -23.54 24.52 9.58
N ILE A 14 -24.83 24.24 9.40
CA ILE A 14 -25.55 24.33 8.09
C ILE A 14 -25.51 25.77 7.59
N ASN A 15 -25.59 26.75 8.49
CA ASN A 15 -25.73 28.20 8.15
C ASN A 15 -24.36 28.81 7.92
N THR A 16 -23.33 28.35 8.65
CA THR A 16 -21.93 28.79 8.46
C THR A 16 -21.36 28.19 7.18
N ALA A 17 -21.72 26.95 6.85
CA ALA A 17 -21.21 26.20 5.67
C ALA A 17 -21.34 27.03 4.38
N ARG A 18 -20.23 27.22 3.67
CA ARG A 18 -20.15 27.85 2.33
C ARG A 18 -19.79 26.82 1.26
N ASP A 19 -19.31 25.63 1.63
CA ASP A 19 -18.58 24.69 0.73
C ASP A 19 -19.18 23.28 0.75
N ALA A 20 -19.13 22.60 -0.39
CA ALA A 20 -19.73 21.27 -0.64
C ALA A 20 -19.14 20.23 0.31
N CYS A 21 -17.84 20.27 0.60
CA CYS A 21 -17.16 19.26 1.45
C CYS A 21 -17.69 19.38 2.89
N VAL A 22 -17.82 20.60 3.40
CA VAL A 22 -18.40 20.91 4.74
C VAL A 22 -19.86 20.43 4.75
N ALA A 23 -20.59 20.73 3.67
CA ALA A 23 -22.03 20.39 3.50
C ALA A 23 -22.22 18.88 3.62
N LYS A 24 -21.40 18.08 2.93
CA LYS A 24 -21.53 16.59 2.91
C LYS A 24 -21.18 16.02 4.30
N ASP A 25 -20.22 16.60 5.00
CA ASP A 25 -19.83 16.17 6.37
C ASP A 25 -21.02 16.35 7.33
N ILE A 26 -21.83 17.39 7.12
CA ILE A 26 -23.09 17.61 7.91
C ILE A 26 -24.10 16.51 7.53
N ASP A 27 -24.29 16.27 6.23
CA ASP A 27 -25.20 15.22 5.68
C ASP A 27 -24.91 13.89 6.38
N VAL A 28 -23.61 13.55 6.48
CA VAL A 28 -23.14 12.26 7.05
C VAL A 28 -23.34 12.29 8.56
N ASP A 29 -23.00 13.42 9.20
CA ASP A 29 -23.10 13.59 10.68
C ASP A 29 -24.57 13.49 11.12
N LEU A 30 -25.50 13.88 10.25
CA LEU A 30 -26.97 13.79 10.50
C LEU A 30 -27.40 12.32 10.46
N LEU A 31 -27.00 11.58 9.43
CA LEU A 31 -27.34 10.13 9.29
C LEU A 31 -26.85 9.38 10.54
N MET A 32 -25.65 9.72 11.02
CA MET A 32 -25.00 9.07 12.18
C MET A 32 -25.69 9.49 13.48
N ALA A 33 -26.01 10.77 13.62
CA ALA A 33 -26.78 11.33 14.76
C ALA A 33 -28.14 10.62 14.86
N ARG A 34 -28.80 10.45 13.72
CA ARG A 34 -30.14 9.81 13.59
C ARG A 34 -30.05 8.33 13.99
N HIS A 35 -29.03 7.62 13.50
CA HIS A 35 -28.72 6.21 13.82
C HIS A 35 -28.56 6.08 15.34
N ASP A 36 -27.71 6.93 15.93
CA ASP A 36 -27.39 6.91 17.38
C ASP A 36 -28.64 7.26 18.19
N TYR A 37 -29.45 8.21 17.71
CA TYR A 37 -30.72 8.63 18.37
C TYR A 37 -31.69 7.44 18.47
N PHE A 38 -31.87 6.69 17.38
CA PHE A 38 -32.71 5.47 17.32
C PHE A 38 -32.11 4.42 18.27
N GLY A 39 -30.78 4.29 18.27
CA GLY A 39 -30.03 3.38 19.17
C GLY A 39 -30.44 3.56 20.62
N ARG A 40 -30.31 4.79 21.13
CA ARG A 40 -30.57 5.11 22.56
C ARG A 40 -32.03 4.80 22.89
N GLU A 41 -32.96 5.22 22.04
CA GLU A 41 -34.42 5.03 22.25
C GLU A 41 -34.77 3.55 22.13
N LEU A 42 -34.20 2.82 21.17
CA LEU A 42 -34.42 1.35 21.01
C LEU A 42 -33.98 0.63 22.28
N CYS A 43 -32.80 0.96 22.81
CA CYS A 43 -32.21 0.31 24.02
C CYS A 43 -33.11 0.55 25.24
N LYS A 44 -33.76 1.72 25.36
CA LYS A 44 -34.78 2.00 26.41
C LYS A 44 -35.96 1.02 26.28
N SER A 45 -36.49 0.85 25.06
CA SER A 45 -37.63 -0.06 24.75
C SER A 45 -37.27 -1.49 25.14
N LEU A 46 -36.11 -2.00 24.69
CA LEU A 46 -35.62 -3.37 24.97
C LEU A 46 -35.21 -3.46 26.45
N ASN A 47 -35.05 -2.32 27.12
CA ASN A 47 -34.59 -2.20 28.51
C ASN A 47 -33.25 -2.92 28.67
N ILE A 48 -32.31 -2.71 27.73
CA ILE A 48 -30.90 -3.19 27.78
C ILE A 48 -29.98 -1.96 27.84
N GLU A 49 -28.81 -2.10 28.44
CA GLU A 49 -27.81 -1.01 28.58
C GLU A 49 -27.47 -0.52 27.17
N TYR A 50 -27.43 0.81 26.97
CA TYR A 50 -27.07 1.41 25.66
C TYR A 50 -25.56 1.22 25.41
N ARG A 51 -25.21 0.73 24.23
CA ARG A 51 -23.81 0.59 23.76
C ARG A 51 -23.73 1.09 22.32
N ASN A 52 -22.51 1.36 21.85
CA ASN A 52 -22.20 1.65 20.43
C ASN A 52 -20.90 0.93 20.08
N ASP A 53 -20.78 0.47 18.84
CA ASP A 53 -19.56 -0.13 18.24
C ASP A 53 -18.72 -0.80 19.33
N VAL A 54 -19.22 -1.90 19.91
CA VAL A 54 -18.51 -2.72 20.94
C VAL A 54 -17.54 -3.67 20.22
N PRO A 55 -16.23 -3.64 20.55
CA PRO A 55 -15.31 -4.64 20.02
C PRO A 55 -15.81 -6.04 20.35
N PHE A 56 -15.83 -6.95 19.36
CA PHE A 56 -16.32 -8.34 19.52
C PHE A 56 -15.54 -9.03 20.63
N ILE A 57 -14.22 -8.82 20.67
CA ILE A 57 -13.30 -9.42 21.69
C ILE A 57 -13.86 -9.13 23.10
N ASP A 58 -14.36 -7.91 23.33
CA ASP A 58 -14.92 -7.48 24.64
C ASP A 58 -16.20 -8.26 24.94
N ILE A 59 -17.02 -8.51 23.91
CA ILE A 59 -18.29 -9.29 24.03
C ILE A 59 -17.94 -10.71 24.52
N ILE A 60 -16.92 -11.33 23.93
CA ILE A 60 -16.47 -12.71 24.28
C ILE A 60 -15.95 -12.72 25.72
N LEU A 61 -15.09 -11.77 26.06
CA LEU A 61 -14.52 -11.59 27.43
C LEU A 61 -15.65 -11.46 28.47
N ASP A 62 -16.75 -10.81 28.11
CA ASP A 62 -17.89 -10.55 29.03
C ASP A 62 -18.63 -11.86 29.32
N ILE A 63 -18.98 -12.62 28.27
CA ILE A 63 -19.84 -13.84 28.40
C ILE A 63 -18.98 -15.05 28.79
N ARG A 64 -17.66 -14.99 28.56
CA ARG A 64 -16.68 -16.08 28.84
C ARG A 64 -15.38 -15.45 29.34
N PRO A 65 -15.32 -15.03 30.64
CA PRO A 65 -14.19 -14.27 31.16
C PRO A 65 -12.88 -15.06 31.29
N GLU A 66 -12.94 -16.40 31.20
CA GLU A 66 -11.77 -17.30 31.30
C GLU A 66 -10.94 -17.25 30.00
N VAL A 67 -11.56 -16.88 28.87
CA VAL A 67 -10.90 -16.79 27.52
C VAL A 67 -9.72 -15.80 27.60
N ASP A 68 -8.56 -16.19 27.05
CA ASP A 68 -7.36 -15.32 26.92
C ASP A 68 -7.50 -14.49 25.64
N PRO A 69 -7.70 -13.16 25.74
CA PRO A 69 -7.96 -12.33 24.56
C PRO A 69 -6.75 -12.14 23.64
N LEU A 70 -5.58 -12.58 24.09
CA LEU A 70 -4.29 -12.48 23.35
C LEU A 70 -4.17 -13.62 22.33
N THR A 71 -4.99 -14.68 22.49
CA THR A 71 -4.86 -15.98 21.74
C THR A 71 -6.16 -16.36 21.01
N ILE A 72 -7.34 -16.06 21.57
CA ILE A 72 -8.67 -16.41 20.99
C ILE A 72 -8.71 -16.00 19.51
N ASP A 73 -9.23 -16.88 18.64
CA ASP A 73 -9.41 -16.61 17.19
C ASP A 73 -10.78 -15.95 17.00
N ALA A 74 -10.85 -14.62 17.14
CA ALA A 74 -12.10 -13.83 17.16
C ALA A 74 -12.15 -12.89 15.98
N PRO A 75 -13.35 -12.65 15.38
CA PRO A 75 -13.50 -11.69 14.30
C PRO A 75 -13.33 -10.25 14.79
N HIS A 76 -12.92 -9.35 13.88
CA HIS A 76 -12.71 -7.90 14.12
C HIS A 76 -13.92 -7.15 13.55
N ILE A 77 -15.06 -7.27 14.24
CA ILE A 77 -16.31 -6.49 13.99
C ILE A 77 -16.60 -5.68 15.26
N THR A 78 -17.34 -4.58 15.11
CA THR A 78 -17.76 -3.68 16.22
C THR A 78 -19.27 -3.48 16.14
N PRO A 79 -20.07 -4.51 16.52
CA PRO A 79 -21.52 -4.41 16.52
C PRO A 79 -22.01 -3.36 17.54
N ASP A 80 -23.11 -2.70 17.22
CA ASP A 80 -23.68 -1.58 18.01
C ASP A 80 -23.97 -2.06 19.44
N ASN A 81 -24.45 -3.29 19.60
CA ASN A 81 -24.87 -3.81 20.93
C ASN A 81 -24.92 -5.33 20.87
N TYR A 82 -25.35 -5.97 21.96
CA TYR A 82 -25.46 -7.44 22.07
C TYR A 82 -26.23 -7.84 23.33
N LEU A 83 -26.86 -9.02 23.28
CA LEU A 83 -27.61 -9.63 24.40
C LEU A 83 -27.22 -11.11 24.51
N TYR A 84 -26.83 -11.56 25.71
CA TYR A 84 -26.50 -12.97 26.01
C TYR A 84 -27.57 -13.51 26.99
N ILE A 85 -28.46 -14.40 26.52
CA ILE A 85 -29.52 -15.06 27.34
C ILE A 85 -29.55 -16.56 27.02
N ASN A 86 -29.88 -17.39 28.02
CA ASN A 86 -30.08 -18.86 27.88
C ASN A 86 -28.98 -19.42 26.97
N ASN A 87 -27.73 -19.11 27.27
CA ASN A 87 -26.54 -19.47 26.46
C ASN A 87 -26.88 -19.31 24.96
N VAL A 88 -27.33 -18.11 24.57
CA VAL A 88 -27.48 -17.66 23.15
C VAL A 88 -26.96 -16.23 23.06
N LEU A 89 -26.01 -15.97 22.16
CA LEU A 89 -25.44 -14.61 21.94
C LEU A 89 -26.16 -13.94 20.76
N TYR A 90 -26.97 -12.92 21.07
CA TYR A 90 -27.60 -12.01 20.08
C TYR A 90 -26.65 -10.85 19.81
N ILE A 91 -26.16 -10.74 18.58
CA ILE A 91 -25.34 -9.60 18.08
C ILE A 91 -26.29 -8.61 17.41
N ILE A 92 -26.53 -7.47 18.07
CA ILE A 92 -27.53 -6.43 17.66
C ILE A 92 -26.81 -5.34 16.87
N ASP A 93 -27.46 -4.84 15.82
CA ASP A 93 -27.03 -3.66 15.05
C ASP A 93 -28.25 -2.77 14.80
N TYR A 94 -28.12 -1.46 15.07
CA TYR A 94 -29.15 -0.44 14.79
C TYR A 94 -29.05 -0.02 13.32
N LYS A 95 -30.20 0.14 12.66
CA LYS A 95 -30.28 0.66 11.27
C LYS A 95 -31.45 1.64 11.18
N VAL A 96 -31.25 2.76 10.49
CA VAL A 96 -32.34 3.71 10.11
C VAL A 96 -32.25 3.94 8.60
N SER A 97 -33.10 3.25 7.86
CA SER A 97 -33.15 3.27 6.37
C SER A 97 -34.54 2.84 5.89
N VAL A 98 -34.93 3.32 4.71
CA VAL A 98 -36.21 2.96 4.04
C VAL A 98 -36.03 1.63 3.30
N SER A 99 -34.79 1.19 3.02
CA SER A 99 -34.47 -0.10 2.37
C SER A 99 -33.69 -1.01 3.31
N ASN A 100 -33.42 -2.25 2.90
CA ASN A 100 -32.70 -3.28 3.70
C ASN A 100 -31.26 -3.46 3.17
N GLU A 101 -30.88 -2.76 2.09
CA GLU A 101 -29.60 -2.93 1.36
C GLU A 101 -28.42 -2.89 2.34
N SER A 102 -28.37 -1.90 3.24
CA SER A 102 -27.35 -1.77 4.31
C SER A 102 -27.50 -2.92 5.29
N SER A 103 -28.73 -3.21 5.74
CA SER A 103 -29.06 -4.32 6.68
C SER A 103 -28.43 -5.62 6.18
N VAL A 104 -28.62 -5.94 4.90
CA VAL A 104 -28.16 -7.21 4.27
C VAL A 104 -26.62 -7.23 4.28
N ILE A 105 -25.99 -6.14 3.87
CA ILE A 105 -24.50 -6.02 3.83
C ILE A 105 -23.93 -6.29 5.22
N THR A 106 -24.55 -5.74 6.28
CA THR A 106 -24.14 -5.92 7.70
C THR A 106 -24.43 -7.35 8.15
N TYR A 107 -25.64 -7.85 7.86
CA TYR A 107 -26.04 -9.23 8.25
C TYR A 107 -25.08 -10.23 7.60
N ASP A 108 -24.83 -10.10 6.29
CA ASP A 108 -23.93 -10.99 5.53
C ASP A 108 -22.53 -10.93 6.15
N LYS A 109 -22.01 -9.75 6.49
CA LYS A 109 -20.67 -9.59 7.09
C LYS A 109 -20.65 -10.33 8.44
N TYR A 110 -21.59 -9.99 9.34
CA TYR A 110 -21.61 -10.44 10.76
C TYR A 110 -21.87 -11.95 10.83
N TYR A 111 -22.78 -12.45 9.98
CA TYR A 111 -23.13 -13.89 9.90
C TYR A 111 -21.86 -14.70 9.54
N GLU A 112 -21.24 -14.36 8.41
CA GLU A 112 -20.04 -15.08 7.89
C GLU A 112 -18.92 -15.09 8.94
N LEU A 113 -18.62 -13.94 9.53
CA LEU A 113 -17.42 -13.76 10.41
C LEU A 113 -17.65 -14.36 11.79
N THR A 114 -18.87 -14.77 12.16
CA THR A 114 -19.21 -15.28 13.51
C THR A 114 -19.51 -16.80 13.50
N ARG A 115 -19.35 -17.49 12.36
CA ARG A 115 -19.63 -18.94 12.22
C ARG A 115 -18.55 -19.73 12.96
N ASP A 116 -17.28 -19.41 12.69
CA ASP A 116 -16.08 -20.02 13.30
C ASP A 116 -16.19 -19.90 14.83
N ILE A 117 -16.28 -18.68 15.36
CA ILE A 117 -16.24 -18.39 16.83
C ILE A 117 -17.41 -19.08 17.54
N SER A 118 -18.59 -19.13 16.91
CA SER A 118 -19.80 -19.82 17.42
C SER A 118 -19.48 -21.30 17.65
N ASP A 119 -18.83 -21.93 16.66
CA ASP A 119 -18.41 -23.36 16.71
C ASP A 119 -17.39 -23.57 17.83
N ARG A 120 -16.42 -22.66 17.98
CA ARG A 120 -15.31 -22.76 18.97
C ARG A 120 -15.82 -22.62 20.41
N LEU A 121 -16.73 -21.67 20.68
CA LEU A 121 -17.27 -21.41 22.04
C LEU A 121 -18.43 -22.37 22.35
N SER A 122 -18.92 -23.09 21.34
CA SER A 122 -20.19 -23.87 21.39
C SER A 122 -21.30 -22.99 21.99
N ILE A 123 -21.48 -21.80 21.41
CA ILE A 123 -22.56 -20.82 21.74
C ILE A 123 -23.21 -20.40 20.42
N PRO A 124 -24.54 -20.58 20.25
CA PRO A 124 -25.18 -20.16 19.00
C PRO A 124 -25.21 -18.63 18.96
N ILE A 125 -24.72 -18.06 17.85
CA ILE A 125 -24.60 -16.58 17.64
C ILE A 125 -25.65 -16.15 16.63
N GLU A 126 -26.69 -15.46 17.11
CA GLU A 126 -27.86 -14.97 16.33
C GLU A 126 -27.60 -13.52 15.93
N ILE A 127 -27.56 -13.21 14.63
CA ILE A 127 -27.27 -11.84 14.11
C ILE A 127 -28.60 -11.09 13.94
N VAL A 128 -28.83 -10.06 14.76
CA VAL A 128 -30.12 -9.31 14.83
C VAL A 128 -29.88 -7.89 14.32
N ILE A 129 -30.29 -7.60 13.07
CA ILE A 129 -30.34 -6.22 12.54
C ILE A 129 -31.74 -5.65 12.84
N ILE A 130 -31.81 -4.70 13.78
CA ILE A 130 -33.06 -3.98 14.17
C ILE A 130 -33.09 -2.64 13.42
N ARG A 131 -33.85 -2.59 12.33
CA ARG A 131 -33.99 -1.41 11.42
C ARG A 131 -35.36 -0.77 11.64
N ILE A 132 -35.40 0.56 11.73
CA ILE A 132 -36.66 1.35 11.68
C ILE A 132 -36.69 2.09 10.33
N ASP A 133 -37.83 1.99 9.62
CA ASP A 133 -38.10 2.80 8.41
C ASP A 133 -38.41 4.21 8.89
N PRO A 134 -37.58 5.22 8.56
CA PRO A 134 -37.74 6.56 9.14
C PRO A 134 -39.03 7.27 8.68
N VAL A 135 -39.59 6.86 7.54
CA VAL A 135 -40.85 7.41 6.94
C VAL A 135 -42.06 6.80 7.67
N SER A 136 -42.21 5.48 7.61
CA SER A 136 -43.37 4.70 8.14
C SER A 136 -43.25 4.52 9.66
N ARG A 137 -42.02 4.50 10.19
CA ARG A 137 -41.71 4.41 11.64
C ARG A 137 -41.93 2.97 12.14
N ASP A 138 -42.03 2.00 11.22
CA ASP A 138 -42.27 0.56 11.49
C ASP A 138 -40.92 -0.12 11.78
N LEU A 139 -40.88 -1.02 12.78
CA LEU A 139 -39.69 -1.84 13.12
C LEU A 139 -39.65 -3.11 12.27
N HIS A 140 -38.55 -3.36 11.57
CA HIS A 140 -38.26 -4.63 10.84
C HIS A 140 -37.07 -5.32 11.53
N ILE A 141 -37.28 -6.54 12.05
CA ILE A 141 -36.26 -7.36 12.75
C ILE A 141 -36.22 -8.74 12.10
N ASN A 142 -35.08 -9.14 11.56
CA ASN A 142 -34.87 -10.42 10.80
C ASN A 142 -35.07 -11.62 11.74
N SER A 143 -34.47 -11.57 12.94
CA SER A 143 -34.31 -12.74 13.84
C SER A 143 -35.64 -13.10 14.50
N ASP A 144 -36.21 -14.24 14.11
CA ASP A 144 -37.43 -14.83 14.74
C ASP A 144 -37.09 -15.13 16.21
N ARG A 145 -35.91 -15.69 16.46
CA ARG A 145 -35.45 -16.09 17.81
C ARG A 145 -35.43 -14.87 18.74
N PHE A 146 -34.99 -13.71 18.25
CA PHE A 146 -34.94 -12.46 19.04
C PHE A 146 -36.36 -11.97 19.33
N LYS A 147 -37.25 -12.07 18.33
CA LYS A 147 -38.64 -11.54 18.42
C LYS A 147 -39.46 -12.38 19.40
N GLU A 148 -39.07 -13.63 19.69
CA GLU A 148 -39.68 -14.48 20.75
C GLU A 148 -39.39 -13.89 22.14
N LEU A 149 -38.16 -13.43 22.39
CA LEU A 149 -37.77 -12.80 23.67
C LEU A 149 -38.54 -11.50 23.86
N TYR A 150 -38.68 -10.71 22.78
CA TYR A 150 -39.31 -9.36 22.76
C TYR A 150 -40.47 -9.37 21.76
N PRO A 151 -41.64 -9.95 22.14
CA PRO A 151 -42.69 -10.27 21.18
C PRO A 151 -43.36 -9.03 20.55
N THR A 152 -43.49 -7.93 21.31
CA THR A 152 -44.00 -6.63 20.80
C THR A 152 -43.15 -5.49 21.37
N ILE A 153 -42.49 -4.77 20.47
CA ILE A 153 -41.51 -3.68 20.77
C ILE A 153 -42.04 -2.39 20.17
N VAL A 154 -42.57 -1.50 21.01
CA VAL A 154 -42.90 -0.10 20.60
C VAL A 154 -41.68 0.77 20.94
N VAL A 155 -41.16 1.47 19.92
CA VAL A 155 -40.15 2.55 20.08
C VAL A 155 -40.90 3.89 20.17
N ASP A 156 -41.73 4.21 19.18
CA ASP A 156 -42.55 5.46 19.16
C ASP A 156 -41.61 6.66 19.30
N ILE A 157 -40.90 6.97 18.21
CA ILE A 157 -40.07 8.20 18.03
C ILE A 157 -40.38 8.76 16.65
N ASN A 158 -39.67 9.82 16.24
CA ASN A 158 -39.73 10.30 14.83
C ASN A 158 -38.48 11.12 14.55
N PHE A 159 -38.25 11.38 13.26
CA PHE A 159 -36.99 11.92 12.70
C PHE A 159 -37.31 13.22 11.95
N ASN A 160 -38.23 14.02 12.46
CA ASN A 160 -38.75 15.23 11.75
C ASN A 160 -37.69 16.33 11.80
N GLN A 161 -36.93 16.40 12.91
CA GLN A 161 -35.77 17.29 13.07
C GLN A 161 -34.72 16.95 12.00
N PHE A 162 -34.44 15.66 11.87
CA PHE A 162 -33.42 15.12 10.94
C PHE A 162 -33.83 15.44 9.51
N PHE A 163 -35.12 15.30 9.19
CA PHE A 163 -35.68 15.54 7.84
C PHE A 163 -35.61 17.04 7.53
N ASP A 164 -35.98 17.88 8.50
CA ASP A 164 -35.96 19.37 8.41
C ASP A 164 -34.53 19.84 8.15
N LEU A 165 -33.59 19.46 9.02
CA LEU A 165 -32.17 19.89 8.94
C LEU A 165 -31.60 19.50 7.58
N LYS A 166 -31.79 18.24 7.18
CA LYS A 166 -31.36 17.71 5.87
C LYS A 166 -31.96 18.56 4.75
N GLN A 167 -33.26 18.84 4.82
CA GLN A 167 -34.01 19.57 3.78
C GLN A 167 -33.43 20.98 3.65
N LEU A 168 -33.17 21.63 4.77
CA LEU A 168 -32.52 22.97 4.88
C LEU A 168 -31.14 22.93 4.22
N LEU A 169 -30.36 21.87 4.48
CA LEU A 169 -29.02 21.66 3.89
C LEU A 169 -29.12 21.54 2.35
N TYR A 170 -30.08 20.76 1.83
CA TYR A 170 -30.28 20.51 0.38
C TYR A 170 -30.89 21.74 -0.30
N GLU A 171 -31.67 22.51 0.46
CA GLU A 171 -32.19 23.85 0.08
C GLU A 171 -31.03 24.80 -0.17
N LYS A 172 -30.10 24.87 0.79
CA LYS A 172 -28.99 25.87 0.83
C LYS A 172 -27.98 25.56 -0.28
N PHE A 173 -27.58 24.30 -0.43
CA PHE A 173 -26.63 23.82 -1.47
C PHE A 173 -27.36 23.17 -2.66
N GLY A 174 -28.63 23.54 -2.89
CA GLY A 174 -29.48 22.98 -3.96
C GLY A 174 -28.95 23.26 -5.35
N ASP A 175 -28.15 24.32 -5.54
CA ASP A 175 -27.56 24.72 -6.84
C ASP A 175 -26.03 24.54 -6.81
N ASP A 176 -25.50 23.81 -5.81
CA ASP A 176 -24.08 23.41 -5.73
C ASP A 176 -23.96 21.99 -6.30
N GLU A 177 -23.59 21.88 -7.58
CA GLU A 177 -23.47 20.59 -8.32
C GLU A 177 -22.55 19.63 -7.55
N GLU A 178 -21.48 20.15 -6.96
CA GLU A 178 -20.43 19.32 -6.30
C GLU A 178 -21.03 18.66 -5.06
N PHE A 179 -21.88 19.37 -4.31
CA PHE A 179 -22.57 18.84 -3.11
C PHE A 179 -23.56 17.74 -3.53
N LEU A 180 -24.33 17.98 -4.59
CA LEU A 180 -25.44 17.09 -5.02
C LEU A 180 -24.88 15.77 -5.57
N LEU A 181 -23.60 15.74 -5.96
CA LEU A 181 -22.95 14.55 -6.60
C LEU A 181 -21.78 14.02 -5.74
N LYS A 182 -21.67 14.46 -4.47
CA LYS A 182 -20.63 13.98 -3.53
C LYS A 182 -21.20 12.86 -2.64
N VAL A 183 -20.37 11.91 -2.25
CA VAL A 183 -20.78 10.70 -1.46
C VAL A 183 -20.04 10.69 -0.12
N ALA A 184 -20.52 9.86 0.82
CA ALA A 184 -20.00 9.69 2.20
C ALA A 184 -18.51 9.33 2.14
N GLY B 1 25.29 18.25 9.24
CA GLY B 1 24.40 17.27 8.59
C GLY B 1 24.97 15.86 8.65
N MET B 2 24.82 15.09 7.57
CA MET B 2 25.40 13.72 7.42
C MET B 2 26.91 13.78 7.66
N ASP B 3 27.52 12.66 8.06
CA ASP B 3 28.99 12.53 8.30
C ASP B 3 29.74 13.03 7.06
N TYR B 4 30.87 13.73 7.26
CA TYR B 4 31.88 13.97 6.20
C TYR B 4 32.25 12.62 5.56
N GLN B 5 32.18 11.53 6.33
CA GLN B 5 32.49 10.14 5.87
C GLN B 5 31.39 9.67 4.91
N GLU B 6 30.16 9.49 5.40
CA GLU B 6 28.97 9.10 4.60
C GLU B 6 28.88 9.98 3.35
N TYR B 7 29.15 11.28 3.47
CA TYR B 7 29.10 12.30 2.38
C TYR B 7 30.13 11.97 1.27
N GLN B 8 31.37 11.64 1.65
CA GLN B 8 32.48 11.34 0.70
C GLN B 8 32.17 10.01 0.00
N GLN B 9 31.66 9.04 0.75
CA GLN B 9 31.14 7.72 0.27
C GLN B 9 30.20 7.97 -0.92
N PHE B 10 29.20 8.84 -0.75
CA PHE B 10 28.21 9.21 -1.81
C PHE B 10 28.94 9.93 -2.96
N LEU B 11 29.78 10.89 -2.63
CA LEU B 11 30.50 11.76 -3.61
C LEU B 11 31.38 10.90 -4.52
N ALA B 12 31.97 9.83 -3.98
CA ALA B 12 32.76 8.82 -4.72
C ALA B 12 31.86 8.08 -5.70
N ARG B 13 30.79 7.44 -5.19
CA ARG B 13 29.80 6.66 -5.97
C ARG B 13 29.29 7.45 -7.18
N ILE B 14 28.99 8.73 -6.99
CA ILE B 14 28.48 9.65 -8.06
C ILE B 14 29.56 9.80 -9.14
N ASN B 15 30.83 9.94 -8.73
CA ASN B 15 31.99 10.14 -9.62
C ASN B 15 32.31 8.82 -10.36
N THR B 16 32.19 7.68 -9.66
CA THR B 16 32.42 6.31 -10.18
C THR B 16 31.36 5.95 -11.24
N ALA B 17 30.09 6.31 -11.00
CA ALA B 17 28.90 5.88 -11.78
C ALA B 17 29.01 6.38 -13.23
N ARG B 18 28.72 5.49 -14.19
CA ARG B 18 28.66 5.79 -15.64
C ARG B 18 27.44 5.08 -16.27
N ASP B 19 26.46 4.67 -15.45
CA ASP B 19 25.25 3.93 -15.91
C ASP B 19 24.02 4.42 -15.13
N ALA B 20 22.90 4.60 -15.86
CA ALA B 20 21.62 5.16 -15.38
C ALA B 20 21.10 4.36 -14.18
N CYS B 21 21.19 3.03 -14.23
CA CYS B 21 20.63 2.12 -13.20
C CYS B 21 21.41 2.29 -11.89
N VAL B 22 22.72 2.48 -11.97
CA VAL B 22 23.60 2.75 -10.80
C VAL B 22 23.24 4.13 -10.24
N ALA B 23 23.16 5.12 -11.13
CA ALA B 23 22.78 6.52 -10.80
C ALA B 23 21.48 6.52 -10.00
N LYS B 24 20.50 5.69 -10.38
CA LYS B 24 19.15 5.67 -9.76
C LYS B 24 19.27 5.06 -8.36
N ASP B 25 20.12 4.04 -8.18
CA ASP B 25 20.37 3.41 -6.86
C ASP B 25 21.01 4.44 -5.91
N ILE B 26 21.86 5.34 -6.43
CA ILE B 26 22.43 6.47 -5.64
C ILE B 26 21.26 7.39 -5.23
N ASP B 27 20.37 7.72 -6.16
CA ASP B 27 19.23 8.66 -5.93
C ASP B 27 18.34 8.09 -4.81
N VAL B 28 18.01 6.80 -4.88
CA VAL B 28 17.13 6.09 -3.91
C VAL B 28 17.84 6.08 -2.54
N ASP B 29 19.12 5.76 -2.52
CA ASP B 29 19.95 5.66 -1.28
C ASP B 29 20.00 7.02 -0.57
N LEU B 30 20.15 8.12 -1.31
CA LEU B 30 20.14 9.50 -0.76
C LEU B 30 18.82 9.73 0.00
N LEU B 31 17.68 9.40 -0.60
CA LEU B 31 16.35 9.59 0.04
C LEU B 31 16.32 8.82 1.37
N MET B 32 16.81 7.58 1.38
CA MET B 32 16.79 6.69 2.56
C MET B 32 17.76 7.23 3.63
N ALA B 33 18.93 7.74 3.21
CA ALA B 33 19.94 8.38 4.09
C ALA B 33 19.34 9.63 4.75
N ARG B 34 18.66 10.46 3.96
CA ARG B 34 18.00 11.72 4.37
C ARG B 34 16.92 11.43 5.43
N HIS B 35 16.16 10.34 5.25
CA HIS B 35 15.07 9.87 6.15
C HIS B 35 15.67 9.43 7.48
N ASP B 36 16.73 8.60 7.42
CA ASP B 36 17.44 8.03 8.59
C ASP B 36 18.15 9.16 9.37
N TYR B 37 18.75 10.12 8.65
CA TYR B 37 19.42 11.32 9.23
C TYR B 37 18.41 12.11 10.07
N PHE B 38 17.24 12.42 9.50
CA PHE B 38 16.15 13.12 10.21
C PHE B 38 15.76 12.26 11.42
N GLY B 39 15.52 10.97 11.19
CA GLY B 39 15.12 10.00 12.23
C GLY B 39 16.04 10.07 13.44
N ARG B 40 17.35 10.17 13.20
CA ARG B 40 18.38 10.17 14.27
C ARG B 40 18.37 11.51 15.02
N GLU B 41 18.28 12.62 14.28
CA GLU B 41 18.27 13.99 14.85
C GLU B 41 16.94 14.24 15.57
N LEU B 42 15.83 13.71 15.05
CA LEU B 42 14.49 13.78 15.70
C LEU B 42 14.59 13.10 17.07
N CYS B 43 15.06 11.85 17.10
CA CYS B 43 15.13 11.00 18.33
C CYS B 43 16.00 11.68 19.40
N LYS B 44 17.02 12.44 19.02
CA LYS B 44 17.86 13.23 19.95
C LYS B 44 17.00 14.33 20.61
N SER B 45 16.19 15.03 19.83
CA SER B 45 15.28 16.10 20.30
C SER B 45 14.27 15.53 21.29
N LEU B 46 13.70 14.35 21.00
CA LEU B 46 12.68 13.68 21.85
C LEU B 46 13.35 13.02 23.07
N ASN B 47 14.68 12.85 23.05
CA ASN B 47 15.49 12.10 24.06
C ASN B 47 14.94 10.67 24.17
N ILE B 48 14.68 10.02 23.03
CA ILE B 48 14.28 8.59 22.95
C ILE B 48 15.34 7.84 22.16
N GLU B 49 15.54 6.56 22.43
CA GLU B 49 16.47 5.67 21.70
C GLU B 49 16.11 5.72 20.22
N TYR B 50 17.06 5.98 19.33
CA TYR B 50 16.86 5.90 17.87
C TYR B 50 16.63 4.43 17.51
N ARG B 51 15.56 4.16 16.76
CA ARG B 51 15.21 2.82 16.23
C ARG B 51 14.85 2.96 14.75
N ASN B 52 14.80 1.84 14.02
CA ASN B 52 14.37 1.79 12.60
C ASN B 52 13.69 0.44 12.31
N ASP B 53 12.59 0.49 11.56
CA ASP B 53 11.77 -0.67 11.08
C ASP B 53 11.70 -1.74 12.18
N VAL B 54 11.08 -1.40 13.32
CA VAL B 54 10.90 -2.31 14.49
C VAL B 54 9.76 -3.28 14.18
N PRO B 55 9.99 -4.62 14.27
CA PRO B 55 8.89 -5.58 14.21
C PRO B 55 7.83 -5.29 15.28
N PHE B 56 6.57 -5.09 14.88
CA PHE B 56 5.46 -4.74 15.79
C PHE B 56 5.36 -5.80 16.89
N ILE B 57 5.62 -7.06 16.55
CA ILE B 57 5.70 -8.19 17.54
C ILE B 57 6.64 -7.75 18.68
N ASP B 58 7.84 -7.25 18.38
CA ASP B 58 8.86 -6.80 19.38
C ASP B 58 8.30 -5.68 20.26
N ILE B 59 7.50 -4.79 19.67
CA ILE B 59 6.83 -3.66 20.39
C ILE B 59 5.86 -4.24 21.43
N ILE B 60 5.03 -5.20 21.04
CA ILE B 60 4.05 -5.88 21.96
C ILE B 60 4.85 -6.58 23.07
N LEU B 61 5.86 -7.37 22.70
CA LEU B 61 6.75 -8.09 23.63
C LEU B 61 7.39 -7.11 24.62
N ASP B 62 7.72 -5.89 24.18
CA ASP B 62 8.37 -4.86 25.03
C ASP B 62 7.37 -4.33 26.07
N ILE B 63 6.23 -3.82 25.62
CA ILE B 63 5.24 -3.11 26.47
C ILE B 63 4.44 -4.12 27.30
N ARG B 64 4.37 -5.38 26.88
CA ARG B 64 3.62 -6.47 27.58
C ARG B 64 4.46 -7.74 27.52
N PRO B 65 5.41 -7.92 28.47
CA PRO B 65 6.40 -9.01 28.40
C PRO B 65 5.83 -10.41 28.59
N GLU B 66 4.69 -10.52 29.29
CA GLU B 66 3.98 -11.79 29.60
C GLU B 66 3.39 -12.39 28.32
N VAL B 67 3.13 -11.57 27.30
CA VAL B 67 2.65 -12.03 25.95
C VAL B 67 3.59 -13.12 25.42
N ASP B 68 3.00 -14.15 24.80
CA ASP B 68 3.74 -15.31 24.22
C ASP B 68 3.98 -15.02 22.73
N PRO B 69 5.24 -14.82 22.30
CA PRO B 69 5.53 -14.39 20.92
C PRO B 69 5.18 -15.42 19.85
N LEU B 70 4.94 -16.68 20.24
CA LEU B 70 4.67 -17.80 19.31
C LEU B 70 3.21 -17.71 18.84
N THR B 71 2.30 -17.24 19.72
CA THR B 71 0.83 -17.26 19.53
C THR B 71 0.25 -15.87 19.27
N ILE B 72 0.71 -14.82 19.96
CA ILE B 72 0.13 -13.43 19.85
C ILE B 72 -0.11 -13.08 18.37
N ASP B 73 -1.34 -12.62 18.07
CA ASP B 73 -1.83 -12.24 16.71
C ASP B 73 -1.47 -10.77 16.46
N ALA B 74 -0.31 -10.51 15.87
CA ALA B 74 0.28 -9.16 15.71
C ALA B 74 0.34 -8.77 14.24
N PRO B 75 0.02 -7.50 13.88
CA PRO B 75 0.17 -7.05 12.50
C PRO B 75 1.62 -7.13 12.02
N HIS B 76 1.82 -7.30 10.70
CA HIS B 76 3.14 -7.43 10.05
C HIS B 76 3.61 -6.05 9.53
N ILE B 77 3.43 -4.98 10.32
CA ILE B 77 4.03 -3.64 10.06
C ILE B 77 5.33 -3.54 10.86
N THR B 78 6.32 -2.81 10.33
CA THR B 78 7.61 -2.54 11.01
C THR B 78 7.80 -1.03 11.07
N PRO B 79 7.16 -0.33 12.03
CA PRO B 79 7.28 1.13 12.14
C PRO B 79 8.68 1.58 12.59
N ASP B 80 9.02 2.84 12.32
CA ASP B 80 10.36 3.42 12.55
C ASP B 80 10.67 3.46 14.05
N ASN B 81 9.73 3.90 14.89
CA ASN B 81 9.94 3.93 16.36
C ASN B 81 8.59 3.83 17.07
N TYR B 82 8.62 3.82 18.41
CA TYR B 82 7.42 3.77 19.27
C TYR B 82 7.74 4.38 20.64
N LEU B 83 6.68 4.63 21.41
CA LEU B 83 6.76 5.22 22.77
C LEU B 83 5.49 4.82 23.54
N TYR B 84 5.68 4.27 24.74
CA TYR B 84 4.60 3.76 25.64
C TYR B 84 4.60 4.63 26.90
N ILE B 85 3.55 5.43 27.08
CA ILE B 85 3.49 6.54 28.09
C ILE B 85 2.05 6.66 28.60
N ASN B 86 1.86 6.48 29.91
CA ASN B 86 0.53 6.51 30.58
C ASN B 86 -0.39 5.49 29.92
N ASN B 87 0.12 4.26 29.77
CA ASN B 87 -0.59 3.12 29.15
C ASN B 87 -1.22 3.56 27.82
N VAL B 88 -0.49 4.38 27.04
CA VAL B 88 -0.82 4.72 25.63
C VAL B 88 0.40 4.34 24.77
N LEU B 89 0.18 3.58 23.70
CA LEU B 89 1.23 3.21 22.72
C LEU B 89 1.16 4.16 21.51
N TYR B 90 2.22 4.92 21.28
CA TYR B 90 2.40 5.82 20.12
C TYR B 90 3.32 5.12 19.11
N ILE B 91 2.80 4.85 17.91
CA ILE B 91 3.57 4.26 16.78
C ILE B 91 4.13 5.42 15.94
N ILE B 92 5.46 5.52 15.87
CA ILE B 92 6.16 6.68 15.23
C ILE B 92 6.71 6.22 13.88
N ASP B 93 6.43 6.99 12.83
CA ASP B 93 7.10 6.88 11.51
C ASP B 93 7.75 8.22 11.19
N TYR B 94 9.00 8.19 10.72
CA TYR B 94 9.75 9.38 10.25
C TYR B 94 9.39 9.63 8.78
N LYS B 95 9.27 10.90 8.40
CA LYS B 95 9.03 11.32 6.99
C LYS B 95 9.84 12.58 6.69
N VAL B 96 10.50 12.61 5.54
CA VAL B 96 11.07 13.84 4.92
C VAL B 96 10.42 13.98 3.55
N SER B 97 9.46 14.89 3.41
CA SER B 97 8.67 15.13 2.17
C SER B 97 8.02 16.52 2.21
N VAL B 98 7.88 17.15 1.03
CA VAL B 98 7.24 18.49 0.85
C VAL B 98 5.72 18.33 0.86
N SER B 99 5.20 17.12 0.64
CA SER B 99 3.74 16.83 0.66
C SER B 99 3.44 15.78 1.74
N ASN B 100 2.15 15.56 2.01
CA ASN B 100 1.63 14.67 3.07
C ASN B 100 1.07 13.37 2.46
N GLU B 101 1.29 13.12 1.16
CA GLU B 101 0.76 11.94 0.44
C GLU B 101 1.24 10.66 1.13
N SER B 102 2.56 10.47 1.24
CA SER B 102 3.20 9.25 1.80
C SER B 102 2.84 9.13 3.29
N SER B 103 2.70 10.27 3.99
CA SER B 103 2.22 10.34 5.39
C SER B 103 0.85 9.66 5.51
N VAL B 104 -0.08 9.97 4.60
CA VAL B 104 -1.49 9.48 4.65
C VAL B 104 -1.52 7.97 4.38
N ILE B 105 -0.70 7.48 3.45
CA ILE B 105 -0.67 6.04 3.04
C ILE B 105 -0.18 5.21 4.22
N THR B 106 0.95 5.62 4.83
CA THR B 106 1.54 5.00 6.04
C THR B 106 0.53 5.05 7.19
N TYR B 107 -0.04 6.22 7.46
CA TYR B 107 -1.04 6.45 8.54
C TYR B 107 -2.19 5.44 8.40
N ASP B 108 -2.80 5.38 7.22
CA ASP B 108 -4.00 4.55 6.95
C ASP B 108 -3.64 3.07 7.19
N LYS B 109 -2.51 2.61 6.64
CA LYS B 109 -2.04 1.21 6.80
C LYS B 109 -1.86 0.90 8.29
N TYR B 110 -1.15 1.76 9.03
CA TYR B 110 -0.78 1.57 10.46
C TYR B 110 -2.04 1.66 11.32
N TYR B 111 -2.98 2.55 10.99
CA TYR B 111 -4.24 2.72 11.76
C TYR B 111 -5.14 1.49 11.58
N GLU B 112 -5.43 1.10 10.33
CA GLU B 112 -6.25 -0.10 9.97
C GLU B 112 -5.73 -1.32 10.71
N LEU B 113 -4.44 -1.61 10.59
CA LEU B 113 -3.83 -2.91 10.99
C LEU B 113 -3.53 -2.93 12.49
N THR B 114 -3.80 -1.86 13.24
CA THR B 114 -3.55 -1.79 14.71
C THR B 114 -4.86 -1.76 15.50
N ARG B 115 -6.02 -1.78 14.83
CA ARG B 115 -7.33 -1.73 15.52
C ARG B 115 -7.58 -3.04 16.30
N ASP B 116 -7.37 -4.20 15.67
CA ASP B 116 -7.62 -5.53 16.30
C ASP B 116 -6.75 -5.66 17.54
N ILE B 117 -5.44 -5.40 17.41
CA ILE B 117 -4.44 -5.65 18.50
C ILE B 117 -4.71 -4.66 19.65
N SER B 118 -5.19 -3.44 19.37
CA SER B 118 -5.51 -2.43 20.40
C SER B 118 -6.63 -2.95 21.32
N ASP B 119 -7.63 -3.62 20.73
CA ASP B 119 -8.80 -4.18 21.46
C ASP B 119 -8.32 -5.33 22.35
N ARG B 120 -7.53 -6.26 21.79
CA ARG B 120 -7.01 -7.48 22.48
C ARG B 120 -6.13 -7.09 23.69
N LEU B 121 -5.31 -6.05 23.56
CA LEU B 121 -4.36 -5.61 24.61
C LEU B 121 -5.06 -4.62 25.57
N SER B 122 -6.21 -4.07 25.16
CA SER B 122 -6.87 -2.91 25.81
C SER B 122 -5.87 -1.76 26.02
N ILE B 123 -4.98 -1.54 25.03
CA ILE B 123 -4.06 -0.37 24.98
C ILE B 123 -4.49 0.48 23.79
N PRO B 124 -4.80 1.79 23.98
CA PRO B 124 -5.04 2.68 22.86
C PRO B 124 -3.74 2.86 22.05
N ILE B 125 -3.85 2.73 20.72
CA ILE B 125 -2.69 2.81 19.79
C ILE B 125 -2.88 4.03 18.90
N GLU B 126 -1.96 4.98 19.02
CA GLU B 126 -2.00 6.32 18.41
C GLU B 126 -0.91 6.35 17.34
N ILE B 127 -1.28 6.46 16.06
CA ILE B 127 -0.31 6.47 14.92
C ILE B 127 0.23 7.89 14.77
N VAL B 128 1.53 8.08 14.97
CA VAL B 128 2.18 9.42 14.96
C VAL B 128 3.16 9.50 13.77
N ILE B 129 2.77 10.21 12.71
CA ILE B 129 3.64 10.46 11.53
C ILE B 129 4.33 11.80 11.77
N ILE B 130 5.63 11.76 12.09
CA ILE B 130 6.46 12.98 12.27
C ILE B 130 7.19 13.26 10.95
N ARG B 131 6.67 14.24 10.20
CA ARG B 131 7.22 14.68 8.88
C ARG B 131 7.95 16.01 9.07
N ILE B 132 9.08 16.15 8.41
CA ILE B 132 9.78 17.45 8.19
C ILE B 132 9.68 17.78 6.69
N ASP B 133 9.29 19.01 6.38
CA ASP B 133 9.36 19.60 5.02
C ASP B 133 10.81 19.98 4.79
N PRO B 134 11.55 19.32 3.86
CA PRO B 134 12.98 19.55 3.71
C PRO B 134 13.30 20.94 3.13
N VAL B 135 12.31 21.65 2.59
CA VAL B 135 12.43 23.04 2.06
C VAL B 135 12.26 24.03 3.23
N SER B 136 11.08 24.06 3.85
CA SER B 136 10.71 25.01 4.94
C SER B 136 11.39 24.61 6.25
N ARG B 137 11.78 23.35 6.40
CA ARG B 137 12.39 22.77 7.64
C ARG B 137 11.35 22.74 8.77
N ASP B 138 10.06 22.85 8.44
CA ASP B 138 8.96 22.80 9.42
C ASP B 138 8.68 21.34 9.81
N LEU B 139 8.44 21.08 11.09
CA LEU B 139 7.88 19.79 11.58
C LEU B 139 6.36 19.80 11.38
N HIS B 140 5.79 18.66 10.97
CA HIS B 140 4.33 18.42 10.88
C HIS B 140 4.01 17.09 11.56
N ILE B 141 3.18 17.12 12.59
CA ILE B 141 2.77 15.94 13.40
C ILE B 141 1.24 15.92 13.47
N ASN B 142 0.61 14.84 12.99
CA ASN B 142 -0.87 14.68 12.98
C ASN B 142 -1.38 14.73 14.42
N SER B 143 -0.82 13.87 15.28
CA SER B 143 -1.31 13.53 16.65
C SER B 143 -1.24 14.74 17.58
N ASP B 144 -2.38 15.39 17.82
CA ASP B 144 -2.58 16.39 18.90
C ASP B 144 -2.16 15.77 20.24
N ARG B 145 -2.44 14.48 20.43
CA ARG B 145 -2.16 13.77 21.70
C ARG B 145 -0.64 13.65 21.91
N PHE B 146 0.11 13.41 20.85
CA PHE B 146 1.60 13.32 20.90
C PHE B 146 2.16 14.71 21.21
N LYS B 147 1.63 15.75 20.55
CA LYS B 147 2.14 17.14 20.66
C LYS B 147 1.81 17.73 22.04
N GLU B 148 0.93 17.09 22.83
CA GLU B 148 0.67 17.50 24.23
C GLU B 148 1.86 17.06 25.10
N LEU B 149 2.30 15.81 24.97
CA LEU B 149 3.50 15.26 25.66
C LEU B 149 4.74 16.09 25.27
N TYR B 150 4.84 16.44 23.98
CA TYR B 150 5.97 17.18 23.37
C TYR B 150 5.45 18.47 22.74
N PRO B 151 5.14 19.51 23.56
CA PRO B 151 4.61 20.77 23.03
C PRO B 151 5.53 21.48 22.02
N THR B 152 6.82 21.58 22.32
CA THR B 152 7.80 22.33 21.48
C THR B 152 8.98 21.42 21.14
N ILE B 153 8.85 20.67 20.05
CA ILE B 153 9.94 19.84 19.45
C ILE B 153 10.71 20.73 18.48
N VAL B 154 12.03 20.83 18.68
CA VAL B 154 12.98 21.53 17.78
C VAL B 154 13.96 20.50 17.22
N VAL B 155 14.10 20.46 15.89
CA VAL B 155 15.15 19.70 15.18
C VAL B 155 15.86 20.70 14.26
N ASP B 156 16.89 21.38 14.75
CA ASP B 156 17.65 22.38 13.96
C ASP B 156 18.65 21.63 13.07
N ILE B 157 18.21 21.25 11.88
CA ILE B 157 19.03 20.57 10.84
C ILE B 157 18.62 21.08 9.46
N ASN B 158 19.45 20.84 8.44
CA ASN B 158 19.13 21.14 7.02
C ASN B 158 19.43 19.89 6.18
N PHE B 159 19.06 19.91 4.90
CA PHE B 159 19.34 18.81 3.93
C PHE B 159 20.10 19.39 2.72
N ASN B 160 20.98 20.36 2.97
CA ASN B 160 21.74 21.07 1.90
C ASN B 160 22.74 20.10 1.28
N GLN B 161 23.37 19.25 2.08
CA GLN B 161 24.33 18.22 1.61
C GLN B 161 23.61 17.25 0.66
N PHE B 162 22.37 16.88 1.00
CA PHE B 162 21.50 15.95 0.22
C PHE B 162 21.06 16.63 -1.08
N PHE B 163 20.74 17.93 -1.06
CA PHE B 163 20.37 18.73 -2.26
C PHE B 163 21.60 18.90 -3.16
N ASP B 164 22.78 19.13 -2.56
CA ASP B 164 24.09 19.26 -3.25
C ASP B 164 24.42 17.96 -4.00
N LEU B 165 24.37 16.83 -3.30
CA LEU B 165 24.70 15.49 -3.84
C LEU B 165 23.73 15.13 -4.96
N LYS B 166 22.43 15.42 -4.78
CA LYS B 166 21.40 15.15 -5.81
C LYS B 166 21.64 16.04 -7.03
N GLN B 167 22.17 17.25 -6.83
CA GLN B 167 22.47 18.19 -7.94
C GLN B 167 23.63 17.64 -8.77
N LEU B 168 24.71 17.19 -8.13
CA LEU B 168 25.88 16.54 -8.80
C LEU B 168 25.40 15.35 -9.65
N LEU B 169 24.54 14.50 -9.08
CA LEU B 169 23.96 13.32 -9.76
C LEU B 169 23.27 13.75 -11.06
N TYR B 170 22.39 14.76 -11.00
CA TYR B 170 21.56 15.21 -12.14
C TYR B 170 22.41 15.99 -13.15
N GLU B 171 23.40 16.76 -12.69
CA GLU B 171 24.42 17.38 -13.57
C GLU B 171 25.01 16.29 -14.47
N LYS B 172 25.45 15.19 -13.87
CA LYS B 172 26.22 14.12 -14.56
C LYS B 172 25.30 13.27 -15.44
N PHE B 173 24.02 13.11 -15.08
CA PHE B 173 23.07 12.14 -15.70
C PHE B 173 21.79 12.84 -16.23
N GLY B 174 21.80 14.17 -16.35
CA GLY B 174 20.62 14.98 -16.72
C GLY B 174 20.15 14.77 -18.16
N ASP B 175 21.03 14.32 -19.07
CA ASP B 175 20.75 14.13 -20.52
C ASP B 175 20.57 12.65 -20.85
N ASP B 176 20.72 11.78 -19.85
CA ASP B 176 20.50 10.31 -19.95
C ASP B 176 19.00 10.03 -19.79
N GLU B 177 18.28 9.80 -20.89
CA GLU B 177 16.81 9.57 -20.89
C GLU B 177 16.44 8.40 -19.97
N GLU B 178 17.30 7.38 -19.89
CA GLU B 178 17.02 6.17 -19.09
C GLU B 178 17.01 6.52 -17.60
N PHE B 179 17.91 7.41 -17.15
CA PHE B 179 17.97 7.89 -15.74
C PHE B 179 16.71 8.69 -15.38
N LEU B 180 16.28 9.58 -16.27
CA LEU B 180 15.16 10.54 -16.03
C LEU B 180 13.82 9.81 -15.90
N LEU B 181 13.71 8.58 -16.42
CA LEU B 181 12.46 7.77 -16.42
C LEU B 181 12.63 6.46 -15.62
N LYS B 182 13.79 6.22 -15.01
CA LYS B 182 14.04 5.01 -14.17
C LYS B 182 13.46 5.25 -12.78
N VAL B 183 12.88 4.20 -12.17
CA VAL B 183 12.28 4.27 -10.80
C VAL B 183 13.01 3.26 -9.91
N ALA B 184 12.87 3.43 -8.59
CA ALA B 184 13.45 2.56 -7.52
C ALA B 184 13.23 1.09 -7.87
N GLY C 1 5.24 35.80 -11.75
CA GLY C 1 4.43 34.87 -10.93
C GLY C 1 2.95 34.96 -11.28
N MET C 2 2.10 34.45 -10.38
CA MET C 2 0.61 34.56 -10.45
C MET C 2 0.20 36.01 -10.76
N ASP C 3 -0.94 36.19 -11.41
CA ASP C 3 -1.71 37.47 -11.43
C ASP C 3 -1.80 37.99 -9.99
N TYR C 4 -1.92 39.30 -9.83
CA TYR C 4 -2.34 39.94 -8.55
C TYR C 4 -3.69 39.34 -8.15
N GLN C 5 -4.67 39.32 -9.07
CA GLN C 5 -6.06 38.86 -8.83
C GLN C 5 -6.08 37.42 -8.31
N GLU C 6 -5.30 36.53 -8.94
CA GLU C 6 -5.25 35.07 -8.61
C GLU C 6 -4.67 34.89 -7.21
N TYR C 7 -3.55 35.56 -6.93
CA TYR C 7 -2.88 35.58 -5.59
C TYR C 7 -3.88 35.98 -4.51
N GLN C 8 -4.61 37.07 -4.78
CA GLN C 8 -5.59 37.68 -3.83
C GLN C 8 -6.75 36.72 -3.58
N GLN C 9 -7.24 36.03 -4.63
CA GLN C 9 -8.30 35.00 -4.53
C GLN C 9 -7.88 33.90 -3.55
N PHE C 10 -6.60 33.48 -3.60
CA PHE C 10 -6.03 32.48 -2.66
C PHE C 10 -5.99 33.06 -1.24
N LEU C 11 -5.49 34.30 -1.09
CA LEU C 11 -5.45 35.01 0.22
C LEU C 11 -6.86 35.05 0.83
N ALA C 12 -7.86 35.41 0.03
CA ALA C 12 -9.28 35.53 0.46
C ALA C 12 -9.80 34.17 0.94
N ARG C 13 -9.52 33.11 0.18
CA ARG C 13 -9.93 31.71 0.49
C ARG C 13 -9.23 31.25 1.76
N ILE C 14 -7.94 31.52 1.90
CA ILE C 14 -7.11 31.08 3.07
C ILE C 14 -7.62 31.80 4.34
N ASN C 15 -7.91 33.10 4.24
CA ASN C 15 -8.33 33.95 5.40
C ASN C 15 -9.75 33.61 5.84
N THR C 16 -10.63 33.21 4.93
CA THR C 16 -12.08 32.99 5.21
C THR C 16 -12.35 31.50 5.48
N ALA C 17 -11.39 30.60 5.23
CA ALA C 17 -11.55 29.14 5.44
C ALA C 17 -11.43 28.83 6.93
N ARG C 18 -12.27 27.91 7.41
CA ARG C 18 -12.30 27.45 8.83
C ARG C 18 -12.37 25.92 8.90
N ASP C 19 -12.26 25.21 7.77
CA ASP C 19 -12.47 23.73 7.71
C ASP C 19 -11.32 23.07 6.96
N ALA C 20 -10.81 21.96 7.52
CA ALA C 20 -9.68 21.16 7.03
C ALA C 20 -9.88 20.77 5.56
N CYS C 21 -11.10 20.40 5.18
CA CYS C 21 -11.43 19.92 3.81
C CYS C 21 -11.34 21.08 2.83
N VAL C 22 -11.76 22.29 3.23
CA VAL C 22 -11.67 23.53 2.41
C VAL C 22 -10.20 23.94 2.29
N ALA C 23 -9.45 23.81 3.39
CA ALA C 23 -8.00 24.08 3.45
C ALA C 23 -7.29 23.18 2.44
N LYS C 24 -7.60 21.88 2.46
CA LYS C 24 -6.93 20.85 1.61
C LYS C 24 -7.32 21.07 0.14
N ASP C 25 -8.52 21.61 -0.13
CA ASP C 25 -8.98 21.94 -1.51
C ASP C 25 -8.11 23.09 -2.02
N ILE C 26 -7.85 24.09 -1.17
CA ILE C 26 -6.96 25.25 -1.48
C ILE C 26 -5.54 24.72 -1.72
N ASP C 27 -5.09 23.73 -0.95
CA ASP C 27 -3.76 23.08 -1.12
C ASP C 27 -3.68 22.50 -2.53
N VAL C 28 -4.69 21.74 -2.93
CA VAL C 28 -4.74 21.05 -4.26
C VAL C 28 -4.89 22.11 -5.35
N ASP C 29 -5.66 23.16 -5.11
CA ASP C 29 -5.91 24.23 -6.12
C ASP C 29 -4.61 25.01 -6.35
N LEU C 30 -3.77 25.16 -5.31
CA LEU C 30 -2.43 25.81 -5.39
C LEU C 30 -1.49 25.00 -6.29
N LEU C 31 -1.48 23.67 -6.15
CA LEU C 31 -0.65 22.73 -6.96
C LEU C 31 -1.03 22.84 -8.44
N MET C 32 -2.33 22.87 -8.75
CA MET C 32 -2.84 22.93 -10.15
C MET C 32 -2.57 24.32 -10.73
N ALA C 33 -2.76 25.39 -9.95
CA ALA C 33 -2.42 26.78 -10.34
C ALA C 33 -0.93 26.89 -10.64
N ARG C 34 -0.10 26.22 -9.84
CA ARG C 34 1.39 26.21 -9.96
C ARG C 34 1.78 25.48 -11.26
N HIS C 35 1.22 24.28 -11.46
CA HIS C 35 1.35 23.48 -12.70
C HIS C 35 0.99 24.33 -13.91
N ASP C 36 -0.14 25.06 -13.83
CA ASP C 36 -0.68 25.85 -14.96
C ASP C 36 0.17 27.12 -15.17
N TYR C 37 0.73 27.70 -14.10
CA TYR C 37 1.68 28.83 -14.20
C TYR C 37 2.93 28.38 -14.96
N PHE C 38 3.46 27.19 -14.65
CA PHE C 38 4.63 26.61 -15.33
C PHE C 38 4.29 26.38 -16.80
N GLY C 39 3.14 25.76 -17.06
CA GLY C 39 2.62 25.51 -18.42
C GLY C 39 2.73 26.74 -19.29
N ARG C 40 2.18 27.86 -18.80
CA ARG C 40 2.05 29.14 -19.54
C ARG C 40 3.44 29.70 -19.85
N GLU C 41 4.37 29.63 -18.89
CA GLU C 41 5.74 30.19 -19.01
C GLU C 41 6.58 29.28 -19.90
N LEU C 42 6.40 27.96 -19.77
CA LEU C 42 7.08 26.94 -20.62
C LEU C 42 6.66 27.14 -22.08
N CYS C 43 5.36 27.28 -22.33
CA CYS C 43 4.79 27.43 -23.70
C CYS C 43 5.33 28.71 -24.36
N LYS C 44 5.56 29.76 -23.58
CA LYS C 44 6.22 31.01 -24.06
C LYS C 44 7.63 30.66 -24.55
N SER C 45 8.40 29.92 -23.74
CA SER C 45 9.81 29.52 -24.06
C SER C 45 9.86 28.61 -25.29
N LEU C 46 8.81 27.84 -25.56
CA LEU C 46 8.76 26.86 -26.68
C LEU C 46 8.14 27.54 -27.91
N ASN C 47 7.56 28.72 -27.73
CA ASN C 47 6.78 29.44 -28.78
C ASN C 47 5.71 28.50 -29.34
N ILE C 48 4.90 27.90 -28.47
CA ILE C 48 3.67 27.16 -28.87
C ILE C 48 2.48 27.79 -28.14
N GLU C 49 1.30 27.74 -28.75
CA GLU C 49 0.02 28.20 -28.16
C GLU C 49 -0.15 27.50 -26.81
N TYR C 50 -0.49 28.23 -25.74
CA TYR C 50 -0.80 27.62 -24.43
C TYR C 50 -2.06 26.77 -24.60
N ARG C 51 -2.02 25.51 -24.15
CA ARG C 51 -3.17 24.59 -24.12
C ARG C 51 -3.18 23.86 -22.78
N ASN C 52 -4.32 23.26 -22.42
CA ASN C 52 -4.47 22.41 -21.22
C ASN C 52 -5.43 21.26 -21.56
N ASP C 53 -5.10 20.05 -21.09
CA ASP C 53 -5.87 18.79 -21.27
C ASP C 53 -6.61 18.84 -22.61
N VAL C 54 -5.86 18.66 -23.70
CA VAL C 54 -6.36 18.62 -25.11
C VAL C 54 -6.86 17.21 -25.38
N PRO C 55 -8.14 17.02 -25.82
CA PRO C 55 -8.59 15.70 -26.27
C PRO C 55 -7.69 15.20 -27.40
N PHE C 56 -7.16 13.98 -27.29
CA PHE C 56 -6.25 13.40 -28.31
C PHE C 56 -6.91 13.44 -29.69
N ILE C 57 -8.19 13.10 -29.76
CA ILE C 57 -9.02 13.15 -31.00
C ILE C 57 -8.84 14.51 -31.71
N ASP C 58 -8.83 15.62 -30.96
CA ASP C 58 -8.71 17.01 -31.50
C ASP C 58 -7.29 17.22 -32.07
N ILE C 59 -6.28 16.57 -31.48
CA ILE C 59 -4.87 16.58 -31.94
C ILE C 59 -4.78 15.86 -33.30
N ILE C 60 -5.40 14.68 -33.42
CA ILE C 60 -5.44 13.91 -34.69
C ILE C 60 -6.11 14.77 -35.78
N LEU C 61 -7.23 15.41 -35.44
CA LEU C 61 -8.03 16.24 -36.38
C LEU C 61 -7.24 17.47 -36.82
N ASP C 62 -6.36 18.00 -35.96
CA ASP C 62 -5.54 19.20 -36.26
C ASP C 62 -4.41 18.82 -37.24
N ILE C 63 -3.80 17.65 -37.09
CA ILE C 63 -2.63 17.21 -37.90
C ILE C 63 -3.09 16.43 -39.14
N ARG C 64 -4.32 15.92 -39.15
CA ARG C 64 -4.92 15.16 -40.28
C ARG C 64 -6.40 15.52 -40.40
N PRO C 65 -6.73 16.66 -41.04
CA PRO C 65 -8.12 17.15 -41.08
C PRO C 65 -9.08 16.26 -41.88
N GLU C 66 -8.54 15.39 -42.74
CA GLU C 66 -9.29 14.48 -43.64
C GLU C 66 -9.79 13.24 -42.88
N VAL C 67 -9.32 13.02 -41.64
CA VAL C 67 -9.69 11.87 -40.78
C VAL C 67 -11.15 12.04 -40.31
N ASP C 68 -11.92 10.96 -40.28
CA ASP C 68 -13.34 10.95 -39.82
C ASP C 68 -13.34 10.91 -38.29
N PRO C 69 -13.81 11.97 -37.61
CA PRO C 69 -13.80 11.99 -36.15
C PRO C 69 -14.77 10.98 -35.53
N LEU C 70 -15.68 10.43 -36.34
CA LEU C 70 -16.74 9.50 -35.85
C LEU C 70 -16.21 8.07 -35.75
N THR C 71 -15.16 7.72 -36.53
CA THR C 71 -14.67 6.31 -36.69
C THR C 71 -13.21 6.15 -36.26
N ILE C 72 -12.32 7.11 -36.51
CA ILE C 72 -10.87 7.03 -36.10
C ILE C 72 -10.78 6.44 -34.70
N ASP C 73 -9.84 5.50 -34.49
CA ASP C 73 -9.65 4.74 -33.23
C ASP C 73 -8.60 5.46 -32.35
N ALA C 74 -9.02 6.47 -31.59
CA ALA C 74 -8.13 7.35 -30.78
C ALA C 74 -8.16 6.94 -29.31
N PRO C 75 -7.01 7.02 -28.59
CA PRO C 75 -6.99 6.79 -27.15
C PRO C 75 -7.67 7.95 -26.40
N HIS C 76 -8.42 7.70 -25.33
N HIS C 76 -8.39 7.62 -25.33
CA HIS C 76 -9.00 8.77 -24.49
CA HIS C 76 -8.94 8.59 -24.34
C HIS C 76 -7.95 9.20 -23.45
C HIS C 76 -7.81 9.07 -23.43
N ILE C 77 -7.01 10.05 -23.89
CA ILE C 77 -6.02 10.76 -23.03
C ILE C 77 -6.10 12.24 -23.36
N THR C 78 -5.80 13.11 -22.40
CA THR C 78 -5.90 14.59 -22.50
C THR C 78 -4.56 15.22 -22.16
N PRO C 79 -3.52 15.10 -23.02
CA PRO C 79 -2.22 15.69 -22.73
C PRO C 79 -2.30 17.21 -22.68
N ASP C 80 -1.42 17.83 -21.89
CA ASP C 80 -1.39 19.29 -21.63
C ASP C 80 -1.25 20.03 -22.96
N ASN C 81 -0.39 19.55 -23.85
CA ASN C 81 -0.08 20.23 -25.12
C ASN C 81 0.55 19.25 -26.12
N TYR C 82 0.80 19.73 -27.33
CA TYR C 82 1.49 18.95 -28.41
C TYR C 82 2.23 19.88 -29.36
N LEU C 83 3.09 19.29 -30.18
CA LEU C 83 3.80 19.96 -31.29
C LEU C 83 3.92 18.96 -32.44
N TYR C 84 3.38 19.30 -33.60
CA TYR C 84 3.50 18.51 -34.85
C TYR C 84 4.53 19.23 -35.75
N ILE C 85 5.63 18.56 -36.08
CA ILE C 85 6.78 19.22 -36.77
C ILE C 85 7.63 18.16 -37.50
N ASN C 86 7.69 18.27 -38.83
CA ASN C 86 8.42 17.35 -39.75
C ASN C 86 7.81 15.94 -39.63
N ASN C 87 6.48 15.86 -39.60
CA ASN C 87 5.71 14.59 -39.50
C ASN C 87 6.17 13.77 -38.28
N VAL C 88 6.39 14.44 -37.14
CA VAL C 88 6.66 13.82 -35.82
C VAL C 88 5.73 14.48 -34.81
N LEU C 89 4.89 13.70 -34.12
CA LEU C 89 3.94 14.22 -33.11
C LEU C 89 4.60 14.11 -31.73
N TYR C 90 4.89 15.25 -31.11
CA TYR C 90 5.42 15.34 -29.72
C TYR C 90 4.22 15.58 -28.80
N ILE C 91 3.95 14.63 -27.90
CA ILE C 91 2.90 14.77 -26.86
C ILE C 91 3.58 15.32 -25.61
N ILE C 92 3.11 16.48 -25.14
CA ILE C 92 3.76 17.30 -24.07
C ILE C 92 2.88 17.26 -22.82
N ASP C 93 3.47 16.87 -21.68
CA ASP C 93 2.81 17.01 -20.36
C ASP C 93 3.69 17.90 -19.48
N TYR C 94 3.11 18.96 -18.91
CA TYR C 94 3.77 19.83 -17.91
C TYR C 94 3.79 19.07 -16.58
N LYS C 95 4.91 19.18 -15.86
CA LYS C 95 5.06 18.59 -14.50
C LYS C 95 5.83 19.58 -13.61
N VAL C 96 5.33 19.79 -12.39
CA VAL C 96 6.06 20.51 -11.30
C VAL C 96 6.18 19.54 -10.12
N SER C 97 7.33 18.88 -10.00
CA SER C 97 7.59 17.88 -8.93
C SER C 97 9.09 17.81 -8.61
N VAL C 98 9.40 17.37 -7.39
CA VAL C 98 10.79 17.22 -6.89
C VAL C 98 11.32 15.84 -7.31
N SER C 99 10.49 14.94 -7.84
CA SER C 99 10.93 13.60 -8.31
C SER C 99 10.21 13.19 -9.60
N ASN C 100 10.71 12.12 -10.24
CA ASN C 100 10.27 11.63 -11.57
C ASN C 100 9.09 10.66 -11.42
N GLU C 101 8.68 10.32 -10.18
CA GLU C 101 7.61 9.32 -9.92
C GLU C 101 6.38 9.60 -10.78
N SER C 102 5.78 10.79 -10.67
CA SER C 102 4.56 11.17 -11.42
C SER C 102 4.87 11.27 -12.92
N SER C 103 6.09 11.66 -13.29
CA SER C 103 6.57 11.72 -14.71
C SER C 103 6.52 10.32 -15.34
N VAL C 104 7.00 9.30 -14.62
CA VAL C 104 7.12 7.90 -15.15
C VAL C 104 5.71 7.29 -15.28
N ILE C 105 4.77 7.68 -14.41
CA ILE C 105 3.37 7.18 -14.48
C ILE C 105 2.73 7.72 -15.76
N THR C 106 2.80 9.03 -16.00
CA THR C 106 2.21 9.71 -17.19
C THR C 106 2.88 9.23 -18.48
N TYR C 107 4.21 9.10 -18.49
CA TYR C 107 4.99 8.64 -19.67
C TYR C 107 4.49 7.24 -20.08
N ASP C 108 4.51 6.30 -19.14
CA ASP C 108 4.15 4.87 -19.36
C ASP C 108 2.73 4.80 -19.95
N LYS C 109 1.79 5.55 -19.37
CA LYS C 109 0.37 5.60 -19.83
C LYS C 109 0.33 6.10 -21.28
N TYR C 110 0.79 7.33 -21.51
CA TYR C 110 0.78 8.03 -22.82
C TYR C 110 1.54 7.19 -23.85
N TYR C 111 2.66 6.57 -23.46
CA TYR C 111 3.47 5.73 -24.38
C TYR C 111 2.63 4.54 -24.85
N GLU C 112 2.24 3.65 -23.93
CA GLU C 112 1.42 2.45 -24.25
C GLU C 112 0.22 2.84 -25.10
N LEU C 113 -0.51 3.88 -24.71
CA LEU C 113 -1.83 4.23 -25.30
C LEU C 113 -1.68 4.92 -26.67
N THR C 114 -0.46 5.21 -27.13
CA THR C 114 -0.24 5.93 -28.42
C THR C 114 0.47 5.05 -29.45
N ARG C 115 0.85 3.82 -29.12
CA ARG C 115 1.53 2.87 -30.05
C ARG C 115 0.62 2.57 -31.25
N ASP C 116 -0.62 2.13 -31.00
CA ASP C 116 -1.60 1.71 -32.04
C ASP C 116 -1.82 2.87 -33.03
N ILE C 117 -2.24 4.02 -32.53
CA ILE C 117 -2.62 5.22 -33.35
C ILE C 117 -1.39 5.70 -34.15
N SER C 118 -0.18 5.52 -33.62
CA SER C 118 1.11 5.86 -34.29
C SER C 118 1.28 4.97 -35.54
N ASP C 119 1.08 3.67 -35.39
CA ASP C 119 1.16 2.67 -36.50
C ASP C 119 0.10 2.99 -37.55
N ARG C 120 -1.15 3.26 -37.12
CA ARG C 120 -2.30 3.55 -38.01
C ARG C 120 -2.03 4.80 -38.85
N LEU C 121 -1.58 5.89 -38.22
CA LEU C 121 -1.36 7.22 -38.85
C LEU C 121 -0.06 7.22 -39.66
N SER C 122 0.83 6.24 -39.41
CA SER C 122 2.25 6.22 -39.85
C SER C 122 2.91 7.56 -39.53
N ILE C 123 2.67 8.06 -38.31
CA ILE C 123 3.33 9.24 -37.70
C ILE C 123 3.96 8.80 -36.40
N PRO C 124 5.31 8.90 -36.23
CA PRO C 124 5.93 8.62 -34.94
C PRO C 124 5.41 9.60 -33.88
N ILE C 125 4.98 9.04 -32.75
CA ILE C 125 4.44 9.79 -31.58
C ILE C 125 5.48 9.69 -30.46
N GLU C 126 6.09 10.83 -30.14
CA GLU C 126 7.16 10.99 -29.13
C GLU C 126 6.55 11.61 -27.87
N ILE C 127 6.62 10.90 -26.74
CA ILE C 127 6.08 11.38 -25.44
C ILE C 127 7.13 12.27 -24.78
N VAL C 128 6.76 13.51 -24.48
CA VAL C 128 7.67 14.51 -23.84
C VAL C 128 7.06 14.93 -22.49
N ILE C 129 7.69 14.51 -21.40
CA ILE C 129 7.36 15.00 -20.03
C ILE C 129 8.35 16.11 -19.69
N ILE C 130 7.90 17.36 -19.75
CA ILE C 130 8.69 18.56 -19.33
C ILE C 130 8.38 18.81 -17.86
N ARG C 131 9.38 18.58 -16.99
CA ARG C 131 9.28 18.73 -15.52
C ARG C 131 10.26 19.79 -15.03
N ILE C 132 9.79 20.73 -14.22
CA ILE C 132 10.64 21.66 -13.42
C ILE C 132 10.60 21.20 -11.95
N ASP C 133 11.77 21.07 -11.34
CA ASP C 133 11.93 20.88 -9.87
C ASP C 133 11.62 22.22 -9.21
N PRO C 134 10.55 22.34 -8.39
CA PRO C 134 10.17 23.64 -7.83
C PRO C 134 11.19 24.24 -6.85
N VAL C 135 12.01 23.39 -6.21
CA VAL C 135 13.11 23.82 -5.30
C VAL C 135 14.33 24.27 -6.14
N SER C 136 14.94 23.34 -6.90
CA SER C 136 16.20 23.57 -7.66
C SER C 136 15.93 24.50 -8.85
N ARG C 137 14.68 24.59 -9.31
CA ARG C 137 14.20 25.42 -10.46
C ARG C 137 14.78 24.88 -11.77
N ASP C 138 15.20 23.61 -11.80
CA ASP C 138 15.88 22.96 -12.95
C ASP C 138 14.86 22.28 -13.87
N LEU C 139 15.02 22.45 -15.19
CA LEU C 139 14.21 21.76 -16.24
C LEU C 139 14.79 20.36 -16.52
N HIS C 140 13.93 19.34 -16.52
CA HIS C 140 14.25 17.94 -16.87
C HIS C 140 13.28 17.45 -17.95
N ILE C 141 13.79 17.17 -19.16
CA ILE C 141 12.97 16.67 -20.30
C ILE C 141 13.52 15.29 -20.70
N ASN C 142 12.67 14.26 -20.64
CA ASN C 142 13.04 12.85 -20.93
C ASN C 142 13.56 12.73 -22.37
N SER C 143 12.90 13.40 -23.32
CA SER C 143 13.04 13.20 -24.79
C SER C 143 14.30 13.89 -25.32
N ASP C 144 15.30 13.10 -25.73
CA ASP C 144 16.50 13.57 -26.46
C ASP C 144 16.07 14.18 -27.79
N ARG C 145 15.05 13.60 -28.43
CA ARG C 145 14.59 14.00 -29.77
C ARG C 145 13.98 15.41 -29.72
N PHE C 146 13.17 15.69 -28.70
CA PHE C 146 12.52 17.01 -28.49
C PHE C 146 13.59 18.06 -28.12
N LYS C 147 14.63 17.66 -27.40
CA LYS C 147 15.73 18.55 -26.96
C LYS C 147 16.64 18.89 -28.15
N GLU C 148 16.78 17.97 -29.11
CA GLU C 148 17.51 18.17 -30.40
C GLU C 148 16.73 19.18 -31.25
N LEU C 149 15.41 19.10 -31.24
CA LEU C 149 14.47 19.96 -31.99
C LEU C 149 14.68 21.43 -31.63
N TYR C 150 14.94 21.71 -30.35
CA TYR C 150 14.93 23.07 -29.76
C TYR C 150 16.34 23.54 -29.40
N PRO C 151 16.57 24.88 -29.38
CA PRO C 151 17.70 25.46 -28.67
C PRO C 151 17.57 25.08 -27.19
N THR C 152 18.62 25.23 -26.40
CA THR C 152 18.56 24.95 -24.94
C THR C 152 17.30 25.66 -24.40
N ILE C 153 16.42 24.91 -23.72
CA ILE C 153 15.10 25.42 -23.26
C ILE C 153 15.25 26.00 -21.85
N VAL C 154 14.94 27.29 -21.68
CA VAL C 154 15.08 28.05 -20.40
C VAL C 154 13.70 28.57 -20.00
N VAL C 155 13.22 28.14 -18.83
CA VAL C 155 12.00 28.70 -18.17
C VAL C 155 12.46 29.29 -16.84
N ASP C 156 12.77 30.59 -16.83
CA ASP C 156 13.40 31.29 -15.68
C ASP C 156 12.30 31.91 -14.81
N ILE C 157 11.65 31.08 -14.00
CA ILE C 157 10.57 31.46 -13.03
C ILE C 157 10.93 30.88 -11.66
N ASN C 158 10.16 31.24 -10.63
CA ASN C 158 10.20 30.57 -9.30
C ASN C 158 8.75 30.43 -8.83
N PHE C 159 8.54 29.74 -7.70
CA PHE C 159 7.20 29.45 -7.15
C PHE C 159 7.12 29.93 -5.69
N ASN C 160 7.88 30.97 -5.36
CA ASN C 160 7.94 31.58 -4.01
C ASN C 160 6.53 32.05 -3.59
N GLN C 161 5.76 32.59 -4.54
CA GLN C 161 4.36 33.02 -4.31
C GLN C 161 3.52 31.84 -3.82
N PHE C 162 3.69 30.67 -4.43
CA PHE C 162 2.96 29.42 -4.10
C PHE C 162 3.42 28.92 -2.74
N PHE C 163 4.73 28.88 -2.50
CA PHE C 163 5.35 28.48 -1.20
C PHE C 163 4.83 29.38 -0.08
N ASP C 164 4.67 30.68 -0.37
CA ASP C 164 4.24 31.71 0.62
C ASP C 164 2.78 31.46 0.98
N LEU C 165 1.94 31.17 -0.02
CA LEU C 165 0.50 30.89 0.16
C LEU C 165 0.32 29.55 0.90
N LYS C 166 1.13 28.55 0.58
CA LYS C 166 1.10 27.24 1.27
C LYS C 166 1.45 27.45 2.75
N GLN C 167 2.37 28.37 3.03
CA GLN C 167 2.87 28.63 4.40
C GLN C 167 1.79 29.32 5.24
N LEU C 168 1.08 30.29 4.66
CA LEU C 168 -0.07 30.97 5.31
C LEU C 168 -1.15 29.93 5.63
N LEU C 169 -1.30 28.91 4.79
CA LEU C 169 -2.27 27.80 4.96
C LEU C 169 -1.84 26.90 6.12
N TYR C 170 -0.55 26.53 6.20
CA TYR C 170 0.02 25.64 7.24
C TYR C 170 0.16 26.40 8.56
N GLU C 171 0.32 27.73 8.49
CA GLU C 171 0.25 28.62 9.68
C GLU C 171 -1.14 28.45 10.32
N LYS C 172 -2.19 28.41 9.50
CA LYS C 172 -3.59 28.46 9.98
C LYS C 172 -4.15 27.04 10.24
N PHE C 173 -3.69 25.99 9.55
CA PHE C 173 -4.29 24.63 9.63
C PHE C 173 -3.28 23.56 10.06
N GLY C 174 -2.06 23.96 10.44
CA GLY C 174 -0.93 23.03 10.70
C GLY C 174 -1.06 22.24 12.00
N ASP C 175 -2.06 22.55 12.85
CA ASP C 175 -2.36 21.82 14.11
C ASP C 175 -3.75 21.17 14.02
N ASP C 176 -4.33 21.14 12.82
CA ASP C 176 -5.60 20.43 12.50
C ASP C 176 -5.19 19.02 12.04
N GLU C 177 -5.29 18.04 12.94
CA GLU C 177 -5.09 16.59 12.69
C GLU C 177 -5.74 16.19 11.34
N GLU C 178 -6.93 16.72 11.07
CA GLU C 178 -7.78 16.31 9.92
C GLU C 178 -7.21 16.86 8.61
N PHE C 179 -6.55 18.03 8.65
CA PHE C 179 -5.90 18.68 7.47
C PHE C 179 -4.57 17.99 7.15
N LEU C 180 -3.80 17.63 8.17
CA LEU C 180 -2.45 17.04 8.03
C LEU C 180 -2.51 15.63 7.46
N LEU C 181 -3.68 14.98 7.55
CA LEU C 181 -3.95 13.61 7.02
C LEU C 181 -4.99 13.66 5.89
N LYS C 182 -5.28 14.84 5.35
CA LYS C 182 -6.26 15.04 4.24
C LYS C 182 -5.52 14.92 2.90
N VAL C 183 -6.11 14.23 1.92
CA VAL C 183 -5.63 14.12 0.51
C VAL C 183 -6.75 14.49 -0.47
N ALA C 184 -8.01 14.13 -0.13
CA ALA C 184 -9.24 14.29 -0.96
C ALA C 184 -9.33 15.72 -1.53
N GLY D 1 24.78 -40.86 -12.69
CA GLY D 1 23.41 -40.43 -13.10
C GLY D 1 22.34 -41.13 -12.29
N MET D 2 21.10 -41.14 -12.78
CA MET D 2 19.99 -41.96 -12.22
C MET D 2 20.39 -43.43 -12.33
N ASP D 3 19.93 -44.28 -11.41
CA ASP D 3 20.27 -45.73 -11.41
C ASP D 3 19.65 -46.37 -12.66
N TYR D 4 20.30 -47.40 -13.19
CA TYR D 4 19.95 -48.10 -14.45
C TYR D 4 18.44 -48.39 -14.47
N GLN D 5 17.88 -48.86 -13.34
CA GLN D 5 16.46 -49.29 -13.20
C GLN D 5 15.50 -48.11 -13.47
N GLU D 6 15.84 -46.90 -13.01
CA GLU D 6 15.01 -45.69 -13.21
C GLU D 6 15.06 -45.29 -14.68
N TYR D 7 16.27 -45.30 -15.28
CA TYR D 7 16.50 -45.09 -16.73
C TYR D 7 15.59 -46.01 -17.54
N GLN D 8 15.44 -47.27 -17.11
CA GLN D 8 14.64 -48.31 -17.82
C GLN D 8 13.15 -47.96 -17.71
N GLN D 9 12.70 -47.57 -16.51
CA GLN D 9 11.32 -47.08 -16.23
C GLN D 9 10.93 -46.05 -17.31
N PHE D 10 11.77 -45.03 -17.51
CA PHE D 10 11.53 -43.91 -18.46
C PHE D 10 11.58 -44.43 -19.91
N LEU D 11 12.53 -45.32 -20.22
CA LEU D 11 12.70 -45.90 -21.58
C LEU D 11 11.43 -46.68 -21.96
N ALA D 12 10.94 -47.53 -21.06
CA ALA D 12 9.69 -48.31 -21.19
C ALA D 12 8.51 -47.36 -21.46
N ARG D 13 8.36 -46.32 -20.64
CA ARG D 13 7.25 -45.34 -20.70
C ARG D 13 7.22 -44.65 -22.06
N ILE D 14 8.40 -44.27 -22.58
CA ILE D 14 8.57 -43.52 -23.86
C ILE D 14 8.18 -44.44 -25.03
N ASN D 15 8.62 -45.71 -24.99
CA ASN D 15 8.42 -46.70 -26.09
C ASN D 15 6.94 -47.10 -26.18
N THR D 16 6.24 -47.25 -25.05
CA THR D 16 4.83 -47.73 -24.95
C THR D 16 3.86 -46.58 -25.26
N ALA D 17 4.27 -45.33 -25.03
CA ALA D 17 3.39 -44.14 -25.11
C ALA D 17 3.14 -43.74 -26.57
N ARG D 18 1.87 -43.51 -26.94
CA ARG D 18 1.47 -43.08 -28.30
C ARG D 18 0.47 -41.93 -28.22
N ASP D 19 0.49 -41.16 -27.13
CA ASP D 19 -0.47 -40.05 -26.87
C ASP D 19 0.28 -38.85 -26.27
N ALA D 20 -0.01 -37.65 -26.75
CA ALA D 20 0.69 -36.39 -26.41
C ALA D 20 0.67 -36.13 -24.90
N CYS D 21 -0.46 -36.39 -24.23
CA CYS D 21 -0.64 -36.10 -22.78
C CYS D 21 0.20 -37.06 -21.94
N VAL D 22 0.32 -38.33 -22.35
CA VAL D 22 1.17 -39.33 -21.64
C VAL D 22 2.64 -38.92 -21.83
N ALA D 23 3.01 -38.50 -23.04
CA ALA D 23 4.35 -38.01 -23.41
C ALA D 23 4.71 -36.77 -22.58
N LYS D 24 3.72 -35.91 -22.31
CA LYS D 24 3.94 -34.63 -21.58
C LYS D 24 4.18 -34.94 -20.10
N ASP D 25 3.47 -35.92 -19.54
CA ASP D 25 3.66 -36.42 -18.15
C ASP D 25 5.08 -36.97 -17.99
N ILE D 26 5.59 -37.69 -18.99
CA ILE D 26 7.00 -38.18 -19.02
C ILE D 26 7.92 -36.97 -18.91
N ASP D 27 7.71 -35.94 -19.75
CA ASP D 27 8.54 -34.71 -19.79
C ASP D 27 8.62 -34.10 -18.37
N VAL D 28 7.48 -33.98 -17.69
CA VAL D 28 7.38 -33.44 -16.30
C VAL D 28 8.18 -34.35 -15.37
N ASP D 29 7.84 -35.63 -15.34
CA ASP D 29 8.47 -36.67 -14.49
C ASP D 29 9.99 -36.64 -14.68
N LEU D 30 10.48 -36.36 -15.90
CA LEU D 30 11.94 -36.23 -16.16
C LEU D 30 12.49 -35.04 -15.37
N LEU D 31 11.83 -33.88 -15.44
CA LEU D 31 12.28 -32.61 -14.79
C LEU D 31 12.31 -32.80 -13.27
N MET D 32 11.34 -33.50 -12.71
CA MET D 32 11.25 -33.79 -11.25
C MET D 32 12.36 -34.78 -10.86
N ALA D 33 12.59 -35.82 -11.69
CA ALA D 33 13.64 -36.84 -11.47
C ALA D 33 15.02 -36.18 -11.52
N ARG D 34 15.20 -35.18 -12.39
CA ARG D 34 16.47 -34.42 -12.57
C ARG D 34 16.70 -33.55 -11.34
N HIS D 35 15.66 -32.82 -10.91
CA HIS D 35 15.65 -31.99 -9.68
C HIS D 35 16.06 -32.86 -8.50
N ASP D 36 15.39 -34.00 -8.34
CA ASP D 36 15.56 -34.95 -7.20
C ASP D 36 16.95 -35.62 -7.28
N TYR D 37 17.41 -36.00 -8.48
CA TYR D 37 18.78 -36.56 -8.69
C TYR D 37 19.80 -35.53 -8.17
N PHE D 38 19.68 -34.27 -8.58
CA PHE D 38 20.57 -33.15 -8.17
C PHE D 38 20.55 -33.00 -6.65
N GLY D 39 19.36 -32.98 -6.04
CA GLY D 39 19.18 -32.82 -4.58
C GLY D 39 19.96 -33.86 -3.78
N ARG D 40 19.88 -35.13 -4.18
CA ARG D 40 20.51 -36.28 -3.49
C ARG D 40 22.04 -36.14 -3.56
N GLU D 41 22.55 -35.67 -4.70
CA GLU D 41 24.02 -35.49 -4.93
C GLU D 41 24.50 -34.24 -4.19
N LEU D 42 23.73 -33.16 -4.22
CA LEU D 42 24.05 -31.90 -3.49
C LEU D 42 24.21 -32.19 -2.00
N CYS D 43 23.25 -32.93 -1.43
CA CYS D 43 23.20 -33.24 0.03
C CYS D 43 24.40 -34.09 0.44
N LYS D 44 24.98 -34.85 -0.49
CA LYS D 44 26.22 -35.63 -0.26
C LYS D 44 27.41 -34.68 -0.19
N SER D 45 27.49 -33.73 -1.12
CA SER D 45 28.55 -32.68 -1.17
C SER D 45 28.49 -31.81 0.09
N LEU D 46 27.31 -31.67 0.72
CA LEU D 46 27.10 -30.83 1.92
C LEU D 46 27.15 -31.69 3.18
N ASN D 47 27.25 -33.02 3.04
CA ASN D 47 27.15 -33.99 4.16
C ASN D 47 25.97 -33.58 5.05
N ILE D 48 24.82 -33.27 4.42
CA ILE D 48 23.50 -33.05 5.10
C ILE D 48 22.55 -34.17 4.65
N GLU D 49 21.61 -34.53 5.52
CA GLU D 49 20.53 -35.51 5.25
C GLU D 49 19.73 -35.04 4.03
N TYR D 50 19.50 -35.91 3.04
CA TYR D 50 18.60 -35.62 1.90
C TYR D 50 17.16 -35.59 2.41
N ARG D 51 16.41 -34.56 2.04
CA ARG D 51 14.95 -34.46 2.28
C ARG D 51 14.31 -33.85 1.03
N ASN D 52 12.97 -33.94 0.94
CA ASN D 52 12.15 -33.27 -0.10
C ASN D 52 10.94 -32.64 0.59
N ASP D 53 10.45 -31.52 0.05
CA ASP D 53 9.20 -30.85 0.48
C ASP D 53 8.92 -31.16 1.94
N VAL D 54 9.75 -30.62 2.84
CA VAL D 54 9.59 -30.72 4.33
C VAL D 54 8.59 -29.64 4.77
N PRO D 55 7.49 -30.00 5.46
CA PRO D 55 6.57 -28.99 6.00
C PRO D 55 7.28 -28.10 7.04
N PHE D 56 7.08 -26.78 6.94
CA PHE D 56 7.79 -25.77 7.76
C PHE D 56 7.49 -26.00 9.25
N ILE D 57 6.26 -26.40 9.59
CA ILE D 57 5.87 -26.77 10.98
C ILE D 57 6.84 -27.83 11.51
N ASP D 58 7.21 -28.79 10.67
CA ASP D 58 8.09 -29.93 11.06
C ASP D 58 9.53 -29.44 11.26
N ILE D 59 9.95 -28.43 10.48
CA ILE D 59 11.28 -27.77 10.62
C ILE D 59 11.36 -27.08 11.99
N ILE D 60 10.33 -26.33 12.38
CA ILE D 60 10.23 -25.63 13.70
C ILE D 60 10.40 -26.65 14.83
N LEU D 61 9.60 -27.71 14.83
CA LEU D 61 9.56 -28.72 15.93
C LEU D 61 10.90 -29.46 16.05
N ASP D 62 11.62 -29.61 14.94
CA ASP D 62 13.00 -30.18 14.96
C ASP D 62 13.91 -29.26 15.77
N ILE D 63 13.94 -27.97 15.42
CA ILE D 63 14.90 -26.97 15.96
C ILE D 63 14.40 -26.41 17.30
N ARG D 64 13.09 -26.47 17.57
CA ARG D 64 12.46 -25.89 18.78
C ARG D 64 11.34 -26.80 19.27
N PRO D 65 11.69 -27.95 19.90
CA PRO D 65 10.71 -28.97 20.28
C PRO D 65 9.70 -28.60 21.38
N GLU D 66 9.97 -27.53 22.13
CA GLU D 66 9.11 -27.06 23.25
C GLU D 66 7.85 -26.37 22.68
N VAL D 67 7.92 -25.88 21.44
CA VAL D 67 6.80 -25.25 20.68
C VAL D 67 5.63 -26.24 20.54
N ASP D 68 4.40 -25.75 20.70
CA ASP D 68 3.13 -26.52 20.50
C ASP D 68 2.70 -26.39 19.05
N PRO D 69 2.73 -27.47 18.25
CA PRO D 69 2.40 -27.38 16.82
C PRO D 69 0.95 -26.95 16.51
N LEU D 70 0.05 -27.04 17.49
CA LEU D 70 -1.39 -26.73 17.31
C LEU D 70 -1.60 -25.21 17.32
N THR D 71 -0.74 -24.46 18.03
CA THR D 71 -0.91 -23.01 18.31
C THR D 71 0.07 -22.16 17.51
N ILE D 72 1.32 -22.60 17.29
CA ILE D 72 2.40 -21.79 16.63
C ILE D 72 1.88 -21.26 15.29
N ASP D 73 2.18 -19.99 14.98
CA ASP D 73 1.81 -19.33 13.69
C ASP D 73 2.95 -19.53 12.68
N ALA D 74 2.91 -20.64 11.93
CA ALA D 74 3.96 -21.08 10.97
C ALA D 74 3.46 -20.90 9.53
N PRO D 75 4.34 -20.50 8.59
CA PRO D 75 3.95 -20.38 7.19
C PRO D 75 3.74 -21.76 6.54
N HIS D 76 2.79 -21.84 5.60
CA HIS D 76 2.38 -23.09 4.90
C HIS D 76 3.25 -23.23 3.64
N ILE D 77 4.55 -23.52 3.80
CA ILE D 77 5.51 -23.80 2.69
C ILE D 77 6.20 -25.14 2.97
N THR D 78 6.67 -25.83 1.93
CA THR D 78 7.39 -27.12 2.05
C THR D 78 8.73 -27.05 1.33
N PRO D 79 9.74 -26.37 1.91
CA PRO D 79 11.06 -26.28 1.28
C PRO D 79 11.75 -27.65 1.17
N ASP D 80 12.62 -27.79 0.16
CA ASP D 80 13.29 -29.07 -0.19
C ASP D 80 14.12 -29.57 1.00
N ASN D 81 14.84 -28.66 1.68
CA ASN D 81 15.72 -29.05 2.82
C ASN D 81 15.92 -27.85 3.76
N TYR D 82 16.73 -28.03 4.80
CA TYR D 82 17.14 -26.95 5.73
C TYR D 82 18.41 -27.35 6.48
N LEU D 83 19.09 -26.36 7.05
CA LEU D 83 20.26 -26.55 7.94
C LEU D 83 20.13 -25.57 9.10
N TYR D 84 20.08 -26.10 10.34
CA TYR D 84 20.07 -25.34 11.61
C TYR D 84 21.44 -25.47 12.27
N ILE D 85 22.18 -24.37 12.33
CA ILE D 85 23.61 -24.34 12.73
C ILE D 85 23.94 -22.93 13.23
N ASN D 86 24.55 -22.81 14.40
CA ASN D 86 24.95 -21.54 15.05
C ASN D 86 23.71 -20.65 15.21
N ASN D 87 22.59 -21.26 15.64
CA ASN D 87 21.27 -20.61 15.82
C ASN D 87 20.91 -19.77 14.58
N VAL D 88 21.17 -20.32 13.40
CA VAL D 88 20.70 -19.78 12.09
C VAL D 88 19.92 -20.89 11.39
N LEU D 89 18.72 -20.58 10.92
CA LEU D 89 17.90 -21.50 10.08
C LEU D 89 18.15 -21.14 8.61
N TYR D 90 18.87 -22.00 7.90
CA TYR D 90 19.01 -21.94 6.43
C TYR D 90 17.91 -22.79 5.81
N ILE D 91 16.97 -22.15 5.10
CA ILE D 91 15.94 -22.82 4.25
C ILE D 91 16.55 -23.03 2.87
N ILE D 92 16.72 -24.29 2.46
CA ILE D 92 17.40 -24.72 1.20
C ILE D 92 16.34 -25.13 0.17
N ASP D 93 16.54 -24.76 -1.09
CA ASP D 93 15.73 -25.24 -2.24
C ASP D 93 16.65 -25.66 -3.39
N TYR D 94 16.51 -26.91 -3.84
CA TYR D 94 17.22 -27.45 -5.03
C TYR D 94 16.56 -26.89 -6.29
N LYS D 95 17.36 -26.39 -7.23
CA LYS D 95 16.92 -25.92 -8.57
C LYS D 95 17.91 -26.46 -9.62
N VAL D 96 17.37 -26.98 -10.72
CA VAL D 96 18.14 -27.31 -11.96
C VAL D 96 17.53 -26.45 -13.06
N SER D 97 18.27 -25.44 -13.53
CA SER D 97 17.74 -24.38 -14.43
C SER D 97 18.88 -23.58 -15.07
N VAL D 98 18.72 -23.26 -16.36
CA VAL D 98 19.70 -22.47 -17.17
C VAL D 98 19.48 -20.98 -16.91
N SER D 99 18.36 -20.58 -16.30
CA SER D 99 18.06 -19.18 -15.92
C SER D 99 17.74 -19.09 -14.42
N ASN D 100 17.64 -17.87 -13.90
CA ASN D 100 17.45 -17.56 -12.45
C ASN D 100 15.97 -17.28 -12.15
N GLU D 101 15.09 -17.42 -13.13
CA GLU D 101 13.70 -16.88 -13.08
C GLU D 101 12.88 -17.66 -12.04
N SER D 102 12.96 -18.99 -12.05
CA SER D 102 12.22 -19.84 -11.07
C SER D 102 12.85 -19.66 -9.68
N SER D 103 14.18 -19.49 -9.62
CA SER D 103 14.98 -19.21 -8.39
C SER D 103 14.46 -17.96 -7.67
N VAL D 104 14.14 -16.91 -8.43
CA VAL D 104 13.70 -15.60 -7.86
C VAL D 104 12.27 -15.72 -7.34
N ILE D 105 11.40 -16.48 -8.02
CA ILE D 105 9.98 -16.64 -7.59
C ILE D 105 9.93 -17.42 -6.27
N THR D 106 10.76 -18.46 -6.13
CA THR D 106 10.87 -19.28 -4.89
C THR D 106 11.52 -18.44 -3.76
N TYR D 107 12.64 -17.76 -4.04
CA TYR D 107 13.31 -16.87 -3.06
C TYR D 107 12.28 -15.90 -2.47
N ASP D 108 11.64 -15.10 -3.32
CA ASP D 108 10.73 -13.99 -2.94
C ASP D 108 9.57 -14.52 -2.08
N LYS D 109 8.99 -15.68 -2.44
CA LYS D 109 7.89 -16.31 -1.67
C LYS D 109 8.43 -16.69 -0.29
N TYR D 110 9.44 -17.56 -0.26
CA TYR D 110 10.08 -18.12 0.96
C TYR D 110 10.54 -16.99 1.88
N TYR D 111 11.12 -15.93 1.32
CA TYR D 111 11.66 -14.78 2.10
C TYR D 111 10.50 -14.07 2.82
N GLU D 112 9.48 -13.65 2.09
CA GLU D 112 8.29 -12.95 2.65
C GLU D 112 7.69 -13.77 3.78
N LEU D 113 7.42 -15.05 3.52
CA LEU D 113 6.57 -15.90 4.38
C LEU D 113 7.35 -16.40 5.61
N THR D 114 8.65 -16.12 5.72
CA THR D 114 9.50 -16.55 6.87
C THR D 114 9.88 -15.37 7.76
N ARG D 115 9.61 -14.12 7.35
CA ARG D 115 9.95 -12.91 8.16
C ARG D 115 9.21 -12.98 9.51
N ASP D 116 7.90 -13.23 9.50
CA ASP D 116 7.06 -13.29 10.71
C ASP D 116 7.62 -14.32 11.69
N ILE D 117 7.81 -15.57 11.24
CA ILE D 117 8.22 -16.72 12.10
C ILE D 117 9.67 -16.51 12.58
N SER D 118 10.50 -15.80 11.81
CA SER D 118 11.89 -15.42 12.18
C SER D 118 11.85 -14.52 13.42
N ASP D 119 10.93 -13.55 13.45
CA ASP D 119 10.75 -12.62 14.60
C ASP D 119 10.24 -13.40 15.81
N ARG D 120 9.16 -14.17 15.66
CA ARG D 120 8.48 -14.90 16.77
C ARG D 120 9.46 -15.87 17.47
N LEU D 121 10.40 -16.46 16.72
CA LEU D 121 11.35 -17.48 17.25
C LEU D 121 12.65 -16.82 17.71
N SER D 122 12.92 -15.57 17.30
CA SER D 122 14.22 -14.87 17.47
C SER D 122 15.36 -15.67 16.83
N ILE D 123 15.11 -16.24 15.65
CA ILE D 123 16.12 -17.03 14.84
C ILE D 123 16.22 -16.39 13.47
N PRO D 124 17.40 -15.92 13.03
CA PRO D 124 17.58 -15.45 11.66
C PRO D 124 17.29 -16.60 10.68
N ILE D 125 16.50 -16.33 9.66
CA ILE D 125 16.13 -17.33 8.63
C ILE D 125 16.71 -16.86 7.30
N GLU D 126 17.65 -17.62 6.76
CA GLU D 126 18.35 -17.33 5.48
C GLU D 126 17.79 -18.25 4.40
N ILE D 127 17.18 -17.69 3.36
CA ILE D 127 16.63 -18.44 2.19
C ILE D 127 17.81 -18.72 1.25
N VAL D 128 18.07 -20.00 0.97
CA VAL D 128 19.23 -20.47 0.16
C VAL D 128 18.69 -21.24 -1.05
N ILE D 129 18.67 -20.60 -2.23
CA ILE D 129 18.32 -21.27 -3.51
C ILE D 129 19.64 -21.79 -4.10
N ILE D 130 19.82 -23.11 -4.11
CA ILE D 130 21.01 -23.79 -4.70
C ILE D 130 20.63 -24.30 -6.09
N ARG D 131 21.05 -23.56 -7.12
CA ARG D 131 20.78 -23.86 -8.54
C ARG D 131 22.06 -24.36 -9.21
N ILE D 132 21.97 -25.48 -9.92
CA ILE D 132 22.97 -25.97 -10.91
C ILE D 132 22.42 -25.69 -12.31
N ASP D 133 23.24 -25.07 -13.17
CA ASP D 133 22.96 -24.86 -14.61
C ASP D 133 23.20 -26.19 -15.31
N PRO D 134 22.17 -26.86 -15.86
CA PRO D 134 22.32 -28.24 -16.34
C PRO D 134 23.19 -28.40 -17.59
N VAL D 135 23.58 -27.28 -18.21
CA VAL D 135 24.48 -27.21 -19.40
C VAL D 135 25.92 -27.00 -18.91
N SER D 136 26.20 -25.86 -18.27
CA SER D 136 27.54 -25.47 -17.77
C SER D 136 27.99 -26.40 -16.63
N ARG D 137 27.03 -26.93 -15.86
CA ARG D 137 27.24 -27.76 -14.64
C ARG D 137 27.68 -26.86 -13.47
N ASP D 138 27.54 -25.54 -13.61
CA ASP D 138 28.00 -24.54 -12.61
C ASP D 138 26.96 -24.40 -11.49
N LEU D 139 27.39 -24.47 -10.23
CA LEU D 139 26.59 -24.14 -9.03
C LEU D 139 26.43 -22.62 -8.94
N HIS D 140 25.23 -22.16 -8.58
CA HIS D 140 24.90 -20.75 -8.26
C HIS D 140 24.08 -20.75 -6.97
N ILE D 141 24.61 -20.13 -5.92
CA ILE D 141 23.97 -19.99 -4.59
C ILE D 141 23.89 -18.50 -4.26
N ASN D 142 22.69 -18.00 -3.94
CA ASN D 142 22.42 -16.58 -3.63
C ASN D 142 23.18 -16.19 -2.35
N SER D 143 23.01 -17.01 -1.30
CA SER D 143 23.34 -16.69 0.12
C SER D 143 24.86 -16.66 0.32
N ASP D 144 25.44 -15.47 0.43
CA ASP D 144 26.88 -15.25 0.79
C ASP D 144 27.14 -15.94 2.13
N ARG D 145 26.18 -15.85 3.05
CA ARG D 145 26.23 -16.43 4.42
C ARG D 145 26.38 -17.96 4.35
N PHE D 146 25.57 -18.63 3.51
CA PHE D 146 25.61 -20.11 3.34
C PHE D 146 26.94 -20.53 2.69
N LYS D 147 27.50 -19.70 1.81
CA LYS D 147 28.77 -19.99 1.09
C LYS D 147 29.97 -19.80 2.05
N GLU D 148 29.83 -18.98 3.09
CA GLU D 148 30.86 -18.79 4.15
C GLU D 148 30.97 -20.06 5.01
N LEU D 149 29.86 -20.75 5.26
CA LEU D 149 29.85 -22.08 5.92
C LEU D 149 30.54 -23.10 5.02
N TYR D 150 30.13 -23.18 3.76
CA TYR D 150 30.58 -24.19 2.78
C TYR D 150 31.58 -23.56 1.83
N PRO D 151 32.89 -23.83 2.02
CA PRO D 151 33.96 -23.03 1.42
C PRO D 151 33.89 -23.11 -0.12
N THR D 152 34.22 -24.27 -0.69
CA THR D 152 33.91 -24.63 -2.10
C THR D 152 33.09 -25.93 -2.07
N ILE D 153 32.06 -25.97 -2.92
CA ILE D 153 31.09 -27.11 -3.04
C ILE D 153 31.30 -27.73 -4.43
N VAL D 154 31.73 -28.99 -4.48
CA VAL D 154 31.90 -29.75 -5.74
C VAL D 154 30.81 -30.82 -5.79
N VAL D 155 29.76 -30.56 -6.56
CA VAL D 155 28.76 -31.58 -6.99
C VAL D 155 29.05 -31.90 -8.47
N ASP D 156 30.06 -32.73 -8.73
CA ASP D 156 30.45 -33.12 -10.11
C ASP D 156 29.53 -34.25 -10.59
N ILE D 157 28.47 -33.89 -11.31
CA ILE D 157 27.52 -34.83 -11.99
C ILE D 157 27.25 -34.30 -13.40
N ASN D 158 26.36 -34.98 -14.13
CA ASN D 158 25.84 -34.50 -15.44
C ASN D 158 24.42 -35.05 -15.64
N PHE D 159 23.69 -34.46 -16.58
CA PHE D 159 22.26 -34.73 -16.85
C PHE D 159 22.09 -35.32 -18.25
N ASN D 160 23.09 -36.07 -18.74
CA ASN D 160 23.13 -36.58 -20.14
C ASN D 160 22.07 -37.66 -20.33
N GLN D 161 21.87 -38.52 -19.34
CA GLN D 161 20.79 -39.54 -19.35
C GLN D 161 19.45 -38.81 -19.53
N PHE D 162 19.31 -37.62 -18.93
CA PHE D 162 18.08 -36.79 -18.98
C PHE D 162 17.97 -36.15 -20.38
N PHE D 163 19.02 -35.47 -20.86
CA PHE D 163 19.06 -34.88 -22.23
C PHE D 163 18.77 -35.98 -23.26
N ASP D 164 19.32 -37.18 -23.07
CA ASP D 164 19.10 -38.36 -23.95
C ASP D 164 17.62 -38.75 -23.96
N LEU D 165 17.07 -39.07 -22.78
CA LEU D 165 15.67 -39.55 -22.63
C LEU D 165 14.69 -38.52 -23.19
N LYS D 166 15.01 -37.22 -23.06
CA LYS D 166 14.14 -36.11 -23.55
C LYS D 166 14.26 -36.02 -25.07
N GLN D 167 15.49 -36.07 -25.60
CA GLN D 167 15.76 -36.05 -27.06
C GLN D 167 15.01 -37.21 -27.72
N LEU D 168 15.01 -38.37 -27.06
CA LEU D 168 14.31 -39.61 -27.48
C LEU D 168 12.79 -39.37 -27.50
N LEU D 169 12.25 -38.71 -26.48
CA LEU D 169 10.81 -38.36 -26.35
C LEU D 169 10.41 -37.39 -27.48
N TYR D 170 11.19 -36.34 -27.72
CA TYR D 170 10.90 -35.29 -28.74
C TYR D 170 11.03 -35.87 -30.14
N GLU D 171 11.85 -36.90 -30.30
CA GLU D 171 12.01 -37.67 -31.56
C GLU D 171 10.66 -38.31 -31.92
N LYS D 172 10.10 -39.08 -30.99
CA LYS D 172 8.86 -39.89 -31.20
C LYS D 172 7.62 -38.98 -31.29
N PHE D 173 7.62 -37.82 -30.62
CA PHE D 173 6.45 -36.92 -30.47
C PHE D 173 6.74 -35.52 -31.07
N GLY D 174 7.77 -35.43 -31.91
CA GLY D 174 8.25 -34.16 -32.51
C GLY D 174 7.26 -33.52 -33.47
N ASP D 175 6.42 -34.30 -34.14
CA ASP D 175 5.41 -33.80 -35.13
C ASP D 175 4.00 -33.80 -34.53
N ASP D 176 3.89 -34.10 -33.23
CA ASP D 176 2.63 -34.01 -32.46
C ASP D 176 2.44 -32.56 -32.00
N GLU D 177 1.61 -31.80 -32.73
CA GLU D 177 1.29 -30.39 -32.42
C GLU D 177 0.70 -30.29 -31.01
N GLU D 178 -0.09 -31.28 -30.60
CA GLU D 178 -0.73 -31.34 -29.25
C GLU D 178 0.36 -31.40 -28.17
N PHE D 179 1.45 -32.14 -28.42
CA PHE D 179 2.56 -32.34 -27.46
C PHE D 179 3.42 -31.06 -27.34
N LEU D 180 3.80 -30.47 -28.47
CA LEU D 180 4.71 -29.29 -28.53
C LEU D 180 4.08 -28.11 -27.79
N LEU D 181 2.75 -27.97 -27.81
CA LEU D 181 2.00 -26.81 -27.23
C LEU D 181 1.35 -27.20 -25.88
N LYS D 182 1.54 -28.43 -25.41
CA LYS D 182 1.02 -28.90 -24.10
C LYS D 182 1.98 -28.45 -22.99
N VAL D 183 1.44 -27.98 -21.87
CA VAL D 183 2.23 -27.43 -20.71
C VAL D 183 2.12 -28.40 -19.53
N ALA D 184 3.03 -28.27 -18.56
CA ALA D 184 3.20 -29.14 -17.37
C ALA D 184 1.89 -29.22 -16.58
CL2 0N8 E . -25.16 5.97 9.78
C19 0N8 E . -23.60 5.44 10.32
C18 0N8 E . -22.55 5.42 9.43
C17 0N8 E . -21.31 5.01 9.87
C20 0N8 E . -23.43 5.08 11.64
C21 0N8 E . -22.18 4.67 12.05
C16 0N8 E . -21.11 4.63 11.19
C15 0N8 E . -19.75 4.16 11.65
C11 0N8 E . -19.56 2.63 11.46
C10 0N8 E . -18.39 2.13 12.32
C9 0N8 E . -17.28 1.56 11.45
C14 0N8 E . -20.84 1.96 11.99
O27 0N8 E . -21.01 1.94 13.20
C22 0N8 E . -21.90 1.40 11.15
C23 0N8 E . -23.20 1.15 11.56
O28 0N8 E . -23.44 1.07 12.76
C24 0N8 E . -24.38 0.98 10.64
O26 0N8 E . -24.21 1.25 9.45
O25 0N8 E . -25.45 0.58 11.10
C12 0N8 E . -19.29 2.29 9.98
C13 0N8 E . -18.86 0.86 9.75
N8 0N8 E . -17.77 0.44 10.66
C7 0N8 E . -16.67 -0.19 9.91
C2 0N8 E . -15.67 -0.93 10.77
C3 0N8 E . -14.55 -0.27 11.26
C4 0N8 E . -13.62 -0.95 12.05
C5 0N8 E . -13.81 -2.28 12.34
C6 0N8 E . -14.92 -2.95 11.85
C1 0N8 E . -15.84 -2.27 11.07
H1 0N8 E . -22.68 5.68 8.54
H2 0N8 E . -20.59 4.98 9.25
H3 0N8 E . -24.16 5.11 12.23
H4 0N8 E . -22.06 4.40 12.95
H5 0N8 E . -19.06 4.63 11.15
H6 0N8 E . -19.65 4.38 12.60
H7 0N8 E . -18.04 2.88 12.85
H8 0N8 E . -18.72 1.44 12.93
H9 0N8 E . -16.92 2.25 10.87
H10 0N8 E . -16.56 1.26 12.03
H11 0N8 E . -21.68 1.19 10.25
H16 0N8 E . -18.60 2.91 9.64
H17 0N8 E . -20.12 2.47 9.46
H18 0N8 E . -19.62 0.27 9.89
H19 0N8 E . -18.56 0.76 8.84
H21 0N8 E . -16.21 0.49 9.39
H22 0N8 E . -17.06 -0.83 9.26
H23 0N8 E . -14.41 0.64 11.07
H24 0N8 E . -12.87 -0.49 12.38
H25 0N8 E . -13.18 -2.74 12.88
H26 0N8 E . -15.04 -3.86 12.06
H27 0N8 E . -16.60 -2.73 10.74
C FMT F . -21.54 6.22 15.70
O1 FMT F . -21.45 7.43 15.64
O2 FMT F . -20.65 5.38 15.28
H FMT F . -22.34 5.85 16.09
HO2 FMT F . -19.89 5.82 14.90
C FMT G . -34.07 -5.99 8.03
O1 FMT G . -33.76 -5.96 9.22
O2 FMT G . -33.98 -4.98 7.21
H FMT G . -34.42 -6.81 7.68
HO2 FMT G . -33.66 -4.22 7.61
MN MN H . -25.72 0.31 13.08
MN MN I . -22.12 0.66 14.52
CL2 0N8 J . 12.83 7.06 2.12
C19 0N8 J . 12.61 5.36 2.42
C18 0N8 J . 12.71 4.90 3.71
C17 0N8 J . 12.54 3.55 3.96
C20 0N8 J . 12.34 4.50 1.38
C21 0N8 J . 12.15 3.16 1.65
C16 0N8 J . 12.24 2.65 2.94
C15 0N8 J . 12.05 1.18 3.23
C11 0N8 J . 10.71 0.82 3.89
C10 0N8 J . 10.85 -0.55 4.58
C9 0N8 J . 10.00 -1.61 3.89
C14 0N8 J . 10.42 1.87 5.00
O27 0N8 J . 10.94 1.68 6.10
C22 0N8 J . 9.62 3.09 4.82
C23 0N8 J . 9.54 4.16 5.71
O28 0N8 J . 9.94 4.04 6.86
C24 0N8 J . 8.96 5.52 5.37
O26 0N8 J . 8.32 5.66 4.33
O25 0N8 J . 9.17 6.42 6.17
C12 0N8 J . 9.57 0.76 2.85
C13 0N8 J . 8.32 0.05 3.33
N8 0N8 J . 8.58 -1.25 3.96
C7 0N8 J . 7.73 -2.33 3.40
C2 0N8 J . 7.53 -3.51 4.34
C3 0N8 J . 6.41 -3.57 5.16
C4 0N8 J . 6.22 -4.66 6.01
C5 0N8 J . 7.15 -5.68 6.05
C6 0N8 J . 8.26 -5.63 5.24
C1 0N8 J . 8.45 -4.55 4.39
H1 0N8 J . 12.90 5.49 4.41
H2 0N8 J . 12.61 3.24 4.84
H3 0N8 J . 12.26 4.84 0.50
H4 0N8 J . 11.96 2.57 0.94
H5 0N8 J . 12.14 0.70 2.39
H6 0N8 J . 12.78 0.89 3.81
H7 0N8 J . 11.79 -0.82 4.55
H8 0N8 J . 10.57 -0.48 5.51
H9 0N8 J . 10.28 -1.68 2.96
H10 0N8 J . 10.15 -2.46 4.32
H11 0N8 J . 9.13 3.15 4.02
H16 0N8 J . 9.91 0.31 2.05
H17 0N8 J . 9.34 1.68 2.59
H18 0N8 J . 7.86 0.62 3.97
H19 0N8 J . 7.72 -0.07 2.57
H21 0N8 J . 8.15 -2.66 2.57
H22 0N8 J . 6.86 -1.96 3.18
H23 0N8 J . 5.78 -2.88 5.14
H24 0N8 J . 5.46 -4.69 6.57
H25 0N8 J . 7.02 -6.42 6.63
H26 0N8 J . 8.89 -6.33 5.26
H27 0N8 J . 9.22 -4.53 3.83
C FMT K . 15.80 2.30 6.17
O1 FMT K . 14.92 1.49 5.93
O2 FMT K . 16.85 2.56 5.42
H FMT K . 15.72 2.82 6.97
HO2 FMT K . 17.01 1.82 4.89
MN MN L . 9.62 6.37 7.96
MN MN M . 10.89 2.61 8.03
CL2 0N8 N . -1.05 19.45 -10.43
C19 0N8 N . -2.44 18.85 -11.26
C18 0N8 N . -2.71 19.30 -12.52
C17 0N8 N . -3.82 18.84 -13.18
C20 0N8 N . -3.26 17.93 -10.64
C21 0N8 N . -4.37 17.47 -11.32
C16 0N8 N . -4.67 17.90 -12.59
C15 0N8 N . -5.88 17.39 -13.34
C11 0N8 N . -5.58 16.18 -14.23
C10 0N8 N . -6.75 15.96 -15.21
C9 0N8 N . -6.61 14.67 -15.99
C14 0N8 N . -4.32 16.58 -15.03
O27 0N8 N . -4.43 17.46 -15.88
C22 0N8 N . -2.98 16.05 -14.79
C23 0N8 N . -1.76 16.60 -15.22
O28 0N8 N . -1.75 17.35 -16.20
C24 0N8 N . -0.43 16.31 -14.60
O26 0N8 N . -0.39 15.42 -13.77
O25 0N8 N . 0.55 16.99 -14.91
C12 0N8 N . -5.41 14.90 -13.38
C13 0N8 N . -5.36 13.64 -14.23
N8 0N8 N . -6.51 13.51 -15.11
C7 0N8 N . -6.41 12.27 -15.89
C2 0N8 N . -7.60 11.92 -16.77
C3 0N8 N . -8.77 11.40 -16.22
C4 0N8 N . -9.85 11.08 -17.03
C5 0N8 N . -9.77 11.26 -18.40
C6 0N8 N . -8.62 11.76 -18.96
C1 0N8 N . -7.54 12.09 -18.14
H1 0N8 N . -2.14 19.94 -12.93
H2 0N8 N . -4.00 19.16 -14.05
H3 0N8 N . -3.06 17.63 -9.77
H4 0N8 N . -4.93 16.84 -10.90
H5 0N8 N . -6.56 17.15 -12.68
H6 0N8 N . -6.23 18.12 -13.89
H7 0N8 N . -7.59 15.94 -14.69
H8 0N8 N . -6.80 16.73 -15.83
H9 0N8 N . -7.38 14.57 -16.58
H10 0N8 N . -5.82 14.72 -16.55
H11 0N8 N . -2.92 15.24 -14.30
H16 0N8 N . -6.16 14.84 -12.76
H17 0N8 N . -4.59 14.98 -12.86
H18 0N8 N . -4.54 13.65 -14.77
H19 0N8 N . -5.31 12.87 -13.63
H21 0N8 N . -6.26 11.51 -15.27
H22 0N8 N . -5.61 12.32 -16.46
H23 0N8 N . -8.83 11.28 -15.29
H24 0N8 N . -10.64 10.74 -16.65
H25 0N8 N . -10.52 11.05 -18.94
H26 0N8 N . -8.57 11.90 -19.89
H27 0N8 N . -6.76 12.44 -18.54
C FMT O . 11.54 13.95 -16.07
O1 FMT O . 11.21 13.60 -14.95
O2 FMT O . 10.71 14.27 -17.04
H FMT O . 12.47 14.00 -16.28
HO2 FMT O . 9.80 14.17 -16.77
C FMT P . -6.55 21.89 -14.77
O1 FMT P . -5.88 22.73 -14.22
O2 FMT P . -6.14 20.69 -15.08
H FMT P . -7.45 22.10 -15.02
HO2 FMT P . -5.28 20.47 -14.93
MN MN Q . 0.53 18.04 -16.59
MN MN R . -3.13 18.11 -17.58
CL2 0N8 S . 11.11 -29.79 -11.20
C19 0N8 S . 9.80 -29.84 -10.05
C18 0N8 S . 9.99 -30.45 -8.84
C17 0N8 S . 8.94 -30.50 -7.93
C20 0N8 S . 8.59 -29.28 -10.38
C21 0N8 S . 7.56 -29.33 -9.47
C16 0N8 S . 7.71 -29.93 -8.23
C15 0N8 S . 6.56 -29.98 -7.25
C11 0N8 S . 6.50 -28.80 -6.27
C10 0N8 S . 5.61 -29.20 -5.10
C9 0N8 S . 5.34 -28.05 -4.13
C14 0N8 S . 7.96 -28.58 -5.80
O27 0N8 S . 8.41 -29.32 -4.93
C22 0N8 S . 8.85 -27.57 -6.36
C23 0N8 S . 10.25 -27.46 -6.20
O28 0N8 S . 10.81 -28.13 -5.34
C24 0N8 S . 11.09 -26.56 -7.05
O26 0N8 S . 12.30 -26.45 -6.80
O25 0N8 S . 10.53 -25.97 -7.97
C12 0N8 S . 5.90 -27.54 -6.92
C13 0N8 S . 5.65 -26.45 -5.90
N8 0N8 S . 4.78 -26.87 -4.79
C7 0N8 S . 4.64 -25.75 -3.84
C2 0N8 S . 3.56 -25.90 -2.79
C3 0N8 S . 2.49 -25.01 -2.75
C4 0N8 S . 1.51 -25.10 -1.76
C5 0N8 S . 1.60 -26.07 -0.79
C6 0N8 S . 2.66 -26.95 -0.80
C1 0N8 S . 3.64 -26.85 -1.77
H1 0N8 S . 10.83 -30.84 -8.62
H2 0N8 S . 9.07 -30.92 -7.10
H3 0N8 S . 8.48 -28.87 -11.22
H4 0N8 S . 6.73 -28.94 -9.70
H5 0N8 S . 5.73 -30.01 -7.76
H6 0N8 S . 6.62 -30.81 -6.75
H7 0N8 S . 4.75 -29.53 -5.45
H8 0N8 S . 6.04 -29.94 -4.61
H9 0N8 S . 4.73 -28.36 -3.45
H10 0N8 S . 6.18 -27.82 -3.68
H11 0N8 S . 8.44 -26.90 -6.89
H16 0N8 S . 5.04 -27.79 -7.34
H17 0N8 S . 6.49 -27.22 -7.62
H18 0N8 S . 6.51 -26.15 -5.53
H19 0N8 S . 5.25 -25.68 -6.34
H21 0N8 S . 4.46 -24.93 -4.35
H22 0N8 S . 5.50 -25.62 -3.38
H23 0N8 S . 2.42 -24.34 -3.41
H24 0N8 S . 0.79 -24.50 -1.77
H25 0N8 S . 0.93 -26.15 -0.13
H26 0N8 S . 2.72 -27.62 -0.12
H27 0N8 S . 4.36 -27.46 -1.76
C FMT T . 9.30 -33.78 -6.26
O1 FMT T . 8.46 -33.37 -5.49
O2 FMT T . 9.42 -35.02 -6.65
H FMT T . 9.94 -33.17 -6.62
HO2 FMT T . 8.68 -35.67 -5.97
MN MN U . 13.34 -27.32 -5.49
MN MN V . 10.42 -29.18 -3.68
#